data_2JVC
#
_entry.id   2JVC
#
_entity_poly.entity_id   1
_entity_poly.type   'polypeptide(L)'
_entity_poly.pdbx_seq_one_letter_code
;GPLGSMQIFVKTLTGKTITIDVDHADTVGAVKAKIYDKEGIPPDQQRLIFGGKQLEDSNAMSDYNVQKESTLHLVLRLRG
GV
;
_entity_poly.pdbx_strand_id   A
#
# COMPACT_ATOMS: atom_id res chain seq x y z
N GLY A 1 23.98 -15.75 1.57
CA GLY A 1 24.09 -14.65 2.51
C GLY A 1 22.74 -14.14 2.95
N PRO A 2 22.73 -12.95 3.59
CA PRO A 2 21.50 -12.32 4.06
C PRO A 2 20.62 -11.83 2.93
N LEU A 3 19.42 -11.36 3.28
CA LEU A 3 18.48 -10.85 2.28
C LEU A 3 17.26 -10.24 2.95
N GLY A 4 16.52 -9.44 2.19
CA GLY A 4 15.32 -8.80 2.73
C GLY A 4 14.45 -8.19 1.65
N SER A 5 13.35 -8.88 1.33
CA SER A 5 12.44 -8.40 0.30
C SER A 5 11.07 -9.06 0.45
N MET A 6 10.01 -8.25 0.45
CA MET A 6 8.66 -8.76 0.57
C MET A 6 7.67 -7.85 -0.15
N GLN A 7 6.85 -8.44 -1.01
CA GLN A 7 5.85 -7.68 -1.76
C GLN A 7 4.51 -7.66 -1.04
N ILE A 8 3.68 -6.69 -1.36
CA ILE A 8 2.37 -6.56 -0.74
C ILE A 8 1.27 -6.42 -1.79
N PHE A 9 0.04 -6.78 -1.42
CA PHE A 9 -1.09 -6.69 -2.33
C PHE A 9 -2.04 -5.57 -1.92
N VAL A 10 -2.31 -4.67 -2.84
CA VAL A 10 -3.20 -3.54 -2.58
C VAL A 10 -4.47 -3.62 -3.43
N LYS A 11 -5.62 -3.46 -2.79
CA LYS A 11 -6.90 -3.52 -3.48
C LYS A 11 -7.54 -2.13 -3.58
N THR A 12 -7.65 -1.63 -4.79
CA THR A 12 -8.25 -0.31 -5.01
C THR A 12 -9.76 -0.35 -4.83
N LEU A 13 -10.35 0.82 -4.62
CA LEU A 13 -11.80 0.92 -4.43
C LEU A 13 -12.54 0.37 -5.65
N THR A 14 -11.84 0.29 -6.78
CA THR A 14 -12.44 -0.22 -8.01
C THR A 14 -12.24 -1.73 -8.13
N GLY A 15 -11.74 -2.34 -7.07
CA GLY A 15 -11.52 -3.78 -7.09
C GLY A 15 -10.36 -4.17 -8.00
N LYS A 16 -9.19 -3.61 -7.73
CA LYS A 16 -8.01 -3.91 -8.53
C LYS A 16 -6.86 -4.41 -7.65
N THR A 17 -6.40 -5.62 -7.93
CA THR A 17 -5.31 -6.22 -7.17
C THR A 17 -3.96 -5.88 -7.77
N ILE A 18 -3.13 -5.19 -7.00
CA ILE A 18 -1.79 -4.79 -7.45
C ILE A 18 -0.71 -5.33 -6.53
N THR A 19 0.41 -5.73 -7.11
CA THR A 19 1.53 -6.26 -6.34
C THR A 19 2.74 -5.34 -6.42
N ILE A 20 3.37 -5.11 -5.27
CA ILE A 20 4.54 -4.24 -5.21
C ILE A 20 5.57 -4.78 -4.21
N ASP A 21 6.83 -4.82 -4.63
CA ASP A 21 7.90 -5.30 -3.77
C ASP A 21 8.36 -4.22 -2.80
N VAL A 22 8.44 -4.58 -1.52
CA VAL A 22 8.87 -3.63 -0.50
C VAL A 22 9.74 -4.32 0.55
N ASP A 23 10.42 -3.51 1.37
CA ASP A 23 11.30 -4.04 2.40
C ASP A 23 10.82 -3.60 3.78
N HIS A 24 11.09 -4.43 4.80
CA HIS A 24 10.68 -4.13 6.16
C HIS A 24 11.29 -2.81 6.63
N ALA A 25 12.30 -2.35 5.91
CA ALA A 25 12.98 -1.10 6.25
C ALA A 25 12.27 0.09 5.60
N ASP A 26 11.13 -0.17 4.98
CA ASP A 26 10.37 0.88 4.32
C ASP A 26 9.22 1.35 5.20
N THR A 27 8.31 2.13 4.61
CA THR A 27 7.16 2.64 5.35
C THR A 27 5.94 2.78 4.44
N VAL A 28 4.78 2.99 5.06
CA VAL A 28 3.54 3.13 4.29
C VAL A 28 3.63 4.27 3.29
N GLY A 29 4.09 5.42 3.76
CA GLY A 29 4.22 6.58 2.88
C GLY A 29 4.96 6.25 1.59
N ALA A 30 6.11 5.61 1.72
CA ALA A 30 6.90 5.23 0.56
C ALA A 30 6.13 4.29 -0.36
N VAL A 31 5.41 3.35 0.24
CA VAL A 31 4.63 2.38 -0.53
C VAL A 31 3.53 3.07 -1.32
N LYS A 32 2.86 4.03 -0.68
CA LYS A 32 1.78 4.77 -1.33
C LYS A 32 2.28 5.43 -2.61
N ALA A 33 3.48 6.00 -2.56
CA ALA A 33 4.07 6.66 -3.72
C ALA A 33 4.31 5.66 -4.84
N LYS A 34 4.79 4.47 -4.49
CA LYS A 34 5.07 3.44 -5.47
C LYS A 34 3.81 3.06 -6.24
N ILE A 35 2.71 2.88 -5.52
CA ILE A 35 1.44 2.52 -6.13
C ILE A 35 0.92 3.64 -7.02
N TYR A 36 1.15 4.89 -6.60
CA TYR A 36 0.71 6.05 -7.36
C TYR A 36 1.27 6.03 -8.77
N ASP A 37 2.56 5.73 -8.89
CA ASP A 37 3.22 5.66 -10.18
C ASP A 37 2.84 4.40 -10.93
N LYS A 38 2.56 3.33 -10.17
CA LYS A 38 2.18 2.05 -10.76
C LYS A 38 1.00 2.22 -11.70
N GLU A 39 -0.01 2.95 -11.25
CA GLU A 39 -1.21 3.19 -12.06
C GLU A 39 -1.35 4.66 -12.41
N GLY A 40 -1.31 5.51 -11.39
CA GLY A 40 -1.43 6.94 -11.62
C GLY A 40 -2.54 7.57 -10.79
N ILE A 41 -2.56 7.26 -9.50
CA ILE A 41 -3.57 7.79 -8.60
C ILE A 41 -2.94 8.64 -7.50
N PRO A 42 -3.71 9.61 -6.99
CA PRO A 42 -3.24 10.50 -5.92
C PRO A 42 -3.09 9.79 -4.58
N PRO A 43 -1.84 9.73 -4.08
CA PRO A 43 -1.52 9.09 -2.81
C PRO A 43 -2.08 9.85 -1.61
N ASP A 44 -2.23 11.15 -1.77
CA ASP A 44 -2.76 11.99 -0.70
C ASP A 44 -4.27 11.89 -0.62
N GLN A 45 -4.88 11.35 -1.67
CA GLN A 45 -6.33 11.19 -1.72
C GLN A 45 -6.73 9.75 -1.42
N GLN A 46 -5.75 8.86 -1.42
CA GLN A 46 -6.00 7.45 -1.14
C GLN A 46 -5.57 7.08 0.27
N ARG A 47 -6.21 6.06 0.84
CA ARG A 47 -5.89 5.62 2.19
C ARG A 47 -5.91 4.10 2.28
N LEU A 48 -5.23 3.56 3.29
CA LEU A 48 -5.18 2.11 3.49
C LEU A 48 -6.05 1.69 4.65
N ILE A 49 -6.65 0.50 4.54
CA ILE A 49 -7.52 -0.02 5.59
C ILE A 49 -7.28 -1.51 5.80
N PHE A 50 -7.12 -1.92 7.06
CA PHE A 50 -6.90 -3.32 7.39
C PHE A 50 -7.87 -3.79 8.47
N GLY A 51 -8.81 -4.64 8.08
CA GLY A 51 -9.79 -5.15 9.03
C GLY A 51 -10.81 -4.10 9.42
N GLY A 52 -10.67 -2.90 8.86
CA GLY A 52 -11.59 -1.82 9.17
C GLY A 52 -10.89 -0.57 9.65
N LYS A 53 -9.71 -0.74 10.24
CA LYS A 53 -8.93 0.39 10.73
C LYS A 53 -7.94 0.87 9.68
N GLN A 54 -7.70 2.18 9.66
CA GLN A 54 -6.77 2.77 8.70
C GLN A 54 -5.33 2.52 9.12
N LEU A 55 -4.41 2.60 8.15
CA LEU A 55 -2.99 2.38 8.42
C LEU A 55 -2.22 3.68 8.32
N GLU A 56 -1.49 4.01 9.39
CA GLU A 56 -0.69 5.23 9.42
C GLU A 56 0.43 5.19 8.39
N ASP A 57 1.29 6.20 8.41
CA ASP A 57 2.40 6.27 7.47
C ASP A 57 3.47 5.24 7.81
N SER A 58 3.51 4.83 9.07
CA SER A 58 4.49 3.85 9.53
C SER A 58 3.82 2.53 9.86
N ASN A 59 2.52 2.45 9.62
CA ASN A 59 1.75 1.24 9.89
C ASN A 59 1.84 0.26 8.72
N ALA A 60 2.96 -0.47 8.66
CA ALA A 60 3.17 -1.44 7.60
C ALA A 60 4.44 -2.26 7.84
N MET A 61 5.58 -1.67 7.49
CA MET A 61 6.86 -2.35 7.68
C MET A 61 7.26 -2.38 9.14
N SER A 62 7.39 -1.19 9.73
CA SER A 62 7.78 -1.07 11.13
C SER A 62 6.78 -1.80 12.03
N ASP A 63 5.52 -1.81 11.62
CA ASP A 63 4.47 -2.47 12.38
C ASP A 63 4.75 -3.96 12.52
N TYR A 64 5.55 -4.49 11.59
CA TYR A 64 5.90 -5.91 11.61
C TYR A 64 4.72 -6.76 11.12
N ASN A 65 4.06 -6.30 10.07
CA ASN A 65 2.93 -7.01 9.51
C ASN A 65 3.07 -7.16 8.00
N VAL A 66 4.23 -6.78 7.48
CA VAL A 66 4.49 -6.87 6.05
C VAL A 66 5.14 -8.21 5.69
N GLN A 67 4.49 -8.95 4.79
CA GLN A 67 4.99 -10.25 4.37
C GLN A 67 5.19 -10.29 2.86
N LYS A 68 5.70 -11.42 2.36
CA LYS A 68 5.94 -11.58 0.94
C LYS A 68 4.69 -11.30 0.14
N GLU A 69 3.53 -11.57 0.74
CA GLU A 69 2.25 -11.34 0.08
C GLU A 69 1.14 -11.13 1.10
N SER A 70 0.80 -9.87 1.35
CA SER A 70 -0.24 -9.52 2.31
C SER A 70 -1.43 -8.86 1.61
N THR A 71 -2.62 -9.17 2.08
CA THR A 71 -3.85 -8.60 1.51
C THR A 71 -4.29 -7.37 2.27
N LEU A 72 -4.28 -6.22 1.60
CA LEU A 72 -4.69 -4.96 2.21
C LEU A 72 -5.76 -4.28 1.38
N HIS A 73 -6.66 -3.56 2.06
CA HIS A 73 -7.74 -2.85 1.38
C HIS A 73 -7.37 -1.38 1.18
N LEU A 74 -7.35 -0.95 -0.06
CA LEU A 74 -7.02 0.44 -0.39
C LEU A 74 -8.24 1.18 -0.95
N VAL A 75 -8.66 2.22 -0.24
CA VAL A 75 -9.80 3.01 -0.66
C VAL A 75 -9.39 4.42 -1.05
N LEU A 76 -9.64 4.78 -2.30
CA LEU A 76 -9.30 6.10 -2.81
C LEU A 76 -10.54 6.89 -3.18
N ARG A 77 -10.57 8.16 -2.82
CA ARG A 77 -11.71 9.03 -3.12
C ARG A 77 -11.39 9.97 -4.28
N LEU A 78 -11.17 9.39 -5.45
CA LEU A 78 -10.84 10.17 -6.64
C LEU A 78 -12.10 10.84 -7.21
N ARG A 79 -13.13 10.03 -7.44
CA ARG A 79 -14.39 10.56 -7.98
C ARG A 79 -14.17 11.21 -9.34
N GLY A 80 -13.17 10.72 -10.07
CA GLY A 80 -12.87 11.26 -11.39
C GLY A 80 -11.59 12.06 -11.40
N GLY A 81 -10.57 11.54 -12.08
CA GLY A 81 -9.30 12.23 -12.16
C GLY A 81 -8.26 11.44 -12.92
N VAL A 82 -6.99 11.75 -12.68
CA VAL A 82 -5.88 11.07 -13.34
C VAL A 82 -5.99 9.56 -13.14
N GLY A 1 15.07 -7.60 -11.68
CA GLY A 1 15.64 -8.68 -10.90
C GLY A 1 15.06 -8.77 -9.50
N PRO A 2 15.30 -9.90 -8.83
CA PRO A 2 14.80 -10.14 -7.47
C PRO A 2 15.50 -9.26 -6.43
N LEU A 3 14.72 -8.74 -5.50
CA LEU A 3 15.26 -7.88 -4.44
C LEU A 3 14.17 -7.47 -3.47
N GLY A 4 14.57 -7.20 -2.22
CA GLY A 4 13.62 -6.79 -1.21
C GLY A 4 13.57 -7.77 -0.05
N SER A 5 12.65 -7.53 0.88
CA SER A 5 12.50 -8.38 2.05
C SER A 5 11.14 -9.06 2.06
N MET A 6 10.09 -8.27 2.27
CA MET A 6 8.72 -8.80 2.30
C MET A 6 7.80 -7.97 1.41
N GLN A 7 7.05 -8.64 0.55
CA GLN A 7 6.13 -7.96 -0.36
C GLN A 7 4.73 -7.91 0.24
N ILE A 8 3.93 -6.97 -0.23
CA ILE A 8 2.56 -6.81 0.25
C ILE A 8 1.57 -6.74 -0.91
N PHE A 9 0.31 -7.05 -0.62
CA PHE A 9 -0.73 -7.02 -1.63
C PHE A 9 -1.72 -5.88 -1.38
N VAL A 10 -1.91 -5.04 -2.39
CA VAL A 10 -2.83 -3.90 -2.28
C VAL A 10 -4.02 -4.07 -3.22
N LYS A 11 -5.22 -3.92 -2.66
CA LYS A 11 -6.44 -4.05 -3.44
C LYS A 11 -7.09 -2.70 -3.65
N THR A 12 -7.15 -2.25 -4.90
CA THR A 12 -7.75 -0.96 -5.23
C THR A 12 -9.27 -1.04 -5.15
N LEU A 13 -9.91 0.13 -5.03
CA LEU A 13 -11.37 0.19 -4.93
C LEU A 13 -12.01 -0.42 -6.18
N THR A 14 -11.24 -0.54 -7.25
CA THR A 14 -11.74 -1.11 -8.49
C THR A 14 -11.44 -2.60 -8.57
N GLY A 15 -11.01 -3.17 -7.46
CA GLY A 15 -10.70 -4.59 -7.41
C GLY A 15 -9.44 -4.93 -8.21
N LYS A 16 -8.32 -4.31 -7.84
CA LYS A 16 -7.07 -4.55 -8.52
C LYS A 16 -6.00 -5.04 -7.53
N THR A 17 -5.54 -6.26 -7.73
CA THR A 17 -4.52 -6.85 -6.87
C THR A 17 -3.12 -6.55 -7.37
N ILE A 18 -2.34 -5.86 -6.56
CA ILE A 18 -0.98 -5.50 -6.92
C ILE A 18 0.01 -5.95 -5.85
N THR A 19 1.18 -6.40 -6.29
CA THR A 19 2.21 -6.87 -5.37
C THR A 19 3.43 -5.94 -5.40
N ILE A 20 3.96 -5.63 -4.22
CA ILE A 20 5.11 -4.76 -4.11
C ILE A 20 6.04 -5.23 -3.00
N ASP A 21 7.33 -5.29 -3.31
CA ASP A 21 8.33 -5.73 -2.33
C ASP A 21 8.74 -4.57 -1.43
N VAL A 22 8.67 -4.78 -0.12
CA VAL A 22 9.02 -3.75 0.85
C VAL A 22 9.85 -4.34 1.99
N ASP A 23 10.52 -3.47 2.74
CA ASP A 23 11.34 -3.91 3.87
C ASP A 23 10.87 -3.25 5.16
N HIS A 24 11.28 -3.82 6.29
CA HIS A 24 10.90 -3.30 7.60
C HIS A 24 11.37 -1.86 7.76
N ALA A 25 12.32 -1.45 6.91
CA ALA A 25 12.86 -0.10 6.97
C ALA A 25 12.07 0.85 6.07
N ASP A 26 10.99 0.33 5.49
CA ASP A 26 10.14 1.12 4.60
C ASP A 26 8.78 1.40 5.24
N THR A 27 8.47 2.67 5.41
CA THR A 27 7.21 3.08 6.02
C THR A 27 6.08 3.07 4.98
N VAL A 28 4.85 3.19 5.46
CA VAL A 28 3.68 3.19 4.59
C VAL A 28 3.83 4.25 3.49
N GLY A 29 4.22 5.45 3.89
CA GLY A 29 4.39 6.53 2.94
C GLY A 29 5.16 6.10 1.70
N ALA A 30 6.29 5.44 1.92
CA ALA A 30 7.12 4.96 0.81
C ALA A 30 6.37 3.94 -0.04
N VAL A 31 5.56 3.12 0.61
CA VAL A 31 4.79 2.09 -0.08
C VAL A 31 3.77 2.73 -1.01
N LYS A 32 3.05 3.73 -0.51
CA LYS A 32 2.03 4.43 -1.30
C LYS A 32 2.63 4.97 -2.59
N ALA A 33 3.81 5.56 -2.48
CA ALA A 33 4.49 6.12 -3.65
C ALA A 33 4.85 5.04 -4.66
N LYS A 34 5.26 3.88 -4.16
CA LYS A 34 5.62 2.76 -5.02
C LYS A 34 4.44 2.33 -5.89
N ILE A 35 3.26 2.26 -5.27
CA ILE A 35 2.05 1.87 -5.99
C ILE A 35 1.65 2.92 -7.00
N TYR A 36 1.88 4.19 -6.66
CA TYR A 36 1.54 5.29 -7.56
C TYR A 36 2.22 5.14 -8.91
N ASP A 37 3.51 4.81 -8.88
CA ASP A 37 4.28 4.62 -10.10
C ASP A 37 3.93 3.30 -10.77
N LYS A 38 3.57 2.30 -9.96
CA LYS A 38 3.22 0.99 -10.48
C LYS A 38 2.09 1.09 -11.51
N GLU A 39 1.07 1.86 -11.17
CA GLU A 39 -0.07 2.05 -12.06
C GLU A 39 -0.11 3.48 -12.61
N GLY A 40 -0.10 4.45 -11.70
CA GLY A 40 -0.14 5.84 -12.11
C GLY A 40 -1.33 6.58 -11.52
N ILE A 41 -1.52 6.46 -10.21
CA ILE A 41 -2.63 7.13 -9.53
C ILE A 41 -2.13 7.96 -8.35
N PRO A 42 -2.95 8.92 -7.92
CA PRO A 42 -2.63 9.80 -6.79
C PRO A 42 -2.64 9.05 -5.46
N PRO A 43 -1.47 8.91 -4.84
CA PRO A 43 -1.32 8.22 -3.56
C PRO A 43 -1.94 9.00 -2.40
N ASP A 44 -1.90 10.33 -2.52
CA ASP A 44 -2.46 11.20 -1.49
C ASP A 44 -3.99 11.17 -1.51
N GLN A 45 -4.54 10.68 -2.62
CA GLN A 45 -5.99 10.60 -2.77
C GLN A 45 -6.51 9.23 -2.33
N GLN A 46 -5.59 8.29 -2.15
CA GLN A 46 -5.95 6.94 -1.74
C GLN A 46 -5.41 6.64 -0.34
N ARG A 47 -6.10 5.74 0.36
CA ARG A 47 -5.69 5.36 1.72
C ARG A 47 -5.76 3.84 1.89
N LEU A 48 -5.09 3.35 2.94
CA LEU A 48 -5.08 1.92 3.22
C LEU A 48 -6.01 1.58 4.38
N ILE A 49 -6.58 0.38 4.33
CA ILE A 49 -7.50 -0.06 5.38
C ILE A 49 -7.26 -1.53 5.72
N PHE A 50 -7.05 -1.80 7.00
CA PHE A 50 -6.82 -3.17 7.46
C PHE A 50 -7.90 -3.61 8.44
N GLY A 51 -8.76 -4.52 8.00
CA GLY A 51 -9.83 -5.00 8.86
C GLY A 51 -10.93 -3.97 9.05
N GLY A 52 -10.75 -2.79 8.47
CA GLY A 52 -11.73 -1.73 8.59
C GLY A 52 -11.13 -0.43 9.05
N LYS A 53 -10.00 -0.49 9.73
CA LYS A 53 -9.32 0.70 10.22
C LYS A 53 -8.27 1.17 9.22
N GLN A 54 -8.10 2.49 9.13
CA GLN A 54 -7.12 3.07 8.21
C GLN A 54 -5.70 2.84 8.72
N LEU A 55 -4.73 3.00 7.82
CA LEU A 55 -3.33 2.82 8.17
C LEU A 55 -2.55 4.12 8.01
N GLU A 56 -1.87 4.53 9.08
CA GLU A 56 -1.08 5.76 9.05
C GLU A 56 0.14 5.60 8.16
N ASP A 57 1.00 6.62 8.14
CA ASP A 57 2.20 6.60 7.33
C ASP A 57 3.23 5.63 7.91
N SER A 58 3.09 5.33 9.20
CA SER A 58 4.01 4.41 9.87
C SER A 58 3.30 3.10 10.22
N ASN A 59 2.06 2.98 9.79
CA ASN A 59 1.27 1.77 10.07
C ASN A 59 1.61 0.68 9.06
N ALA A 60 2.76 0.05 9.22
CA ALA A 60 3.20 -1.02 8.32
C ALA A 60 4.38 -1.77 8.91
N MET A 61 5.58 -1.30 8.62
CA MET A 61 6.80 -1.94 9.12
C MET A 61 6.72 -2.14 10.63
N SER A 62 6.38 -1.09 11.35
CA SER A 62 6.27 -1.15 12.81
C SER A 62 4.98 -1.86 13.23
N ASP A 63 3.93 -1.70 12.42
CA ASP A 63 2.65 -2.32 12.71
C ASP A 63 2.80 -3.84 12.84
N TYR A 64 3.81 -4.38 12.19
CA TYR A 64 4.06 -5.81 12.22
C TYR A 64 3.05 -6.57 11.37
N ASN A 65 2.40 -5.86 10.45
CA ASN A 65 1.41 -6.45 9.57
C ASN A 65 1.94 -6.53 8.14
N VAL A 66 3.23 -6.29 7.98
CA VAL A 66 3.85 -6.33 6.66
C VAL A 66 4.67 -7.61 6.47
N GLN A 67 4.00 -8.68 6.06
CA GLN A 67 4.67 -9.96 5.85
C GLN A 67 5.02 -10.15 4.38
N LYS A 68 5.58 -11.31 4.07
CA LYS A 68 5.97 -11.63 2.69
C LYS A 68 4.80 -11.45 1.75
N GLU A 69 3.59 -11.68 2.25
CA GLU A 69 2.39 -11.55 1.45
C GLU A 69 1.19 -11.20 2.32
N SER A 70 0.96 -9.91 2.52
CA SER A 70 -0.15 -9.45 3.34
C SER A 70 -1.24 -8.82 2.48
N THR A 71 -2.49 -9.19 2.74
CA THR A 71 -3.62 -8.67 1.99
C THR A 71 -4.24 -7.47 2.68
N LEU A 72 -4.27 -6.33 2.00
CA LEU A 72 -4.83 -5.11 2.55
C LEU A 72 -5.81 -4.47 1.57
N HIS A 73 -6.77 -3.73 2.10
CA HIS A 73 -7.78 -3.06 1.28
C HIS A 73 -7.40 -1.61 1.04
N LEU A 74 -7.23 -1.23 -0.22
CA LEU A 74 -6.87 0.13 -0.58
C LEU A 74 -8.04 0.85 -1.25
N VAL A 75 -8.51 1.91 -0.61
CA VAL A 75 -9.63 2.69 -1.15
C VAL A 75 -9.17 4.07 -1.60
N LEU A 76 -9.65 4.48 -2.77
CA LEU A 76 -9.28 5.79 -3.32
C LEU A 76 -10.53 6.63 -3.61
N ARG A 77 -10.46 7.90 -3.27
CA ARG A 77 -11.58 8.81 -3.49
C ARG A 77 -11.20 9.91 -4.48
N LEU A 78 -10.78 9.51 -5.67
CA LEU A 78 -10.39 10.47 -6.71
C LEU A 78 -11.54 11.40 -7.05
N ARG A 79 -12.77 10.92 -6.85
CA ARG A 79 -13.96 11.71 -7.15
C ARG A 79 -14.03 12.93 -6.24
N GLY A 80 -13.55 14.07 -6.74
CA GLY A 80 -13.57 15.29 -5.96
C GLY A 80 -12.60 16.32 -6.48
N GLY A 81 -11.36 15.90 -6.73
CA GLY A 81 -10.35 16.81 -7.23
C GLY A 81 -9.12 16.09 -7.75
N VAL A 82 -8.10 16.85 -8.13
CA VAL A 82 -6.87 16.27 -8.65
C VAL A 82 -5.64 16.98 -8.05
N GLY A 1 15.61 -14.90 -4.80
CA GLY A 1 15.47 -15.47 -3.47
C GLY A 1 16.03 -14.57 -2.39
N PRO A 2 15.32 -13.46 -2.11
CA PRO A 2 15.74 -12.49 -1.09
C PRO A 2 15.61 -13.04 0.32
N LEU A 3 16.03 -12.25 1.31
CA LEU A 3 15.96 -12.67 2.70
C LEU A 3 15.06 -11.73 3.50
N GLY A 4 15.55 -10.51 3.74
CA GLY A 4 14.78 -9.54 4.50
C GLY A 4 13.70 -8.88 3.65
N SER A 5 14.09 -8.39 2.48
CA SER A 5 13.15 -7.73 1.59
C SER A 5 11.90 -8.60 1.37
N MET A 6 10.77 -7.94 1.14
CA MET A 6 9.52 -8.65 0.92
C MET A 6 8.61 -7.86 -0.03
N GLN A 7 7.38 -8.34 -0.19
CA GLN A 7 6.42 -7.68 -1.07
C GLN A 7 5.03 -7.66 -0.43
N ILE A 8 4.21 -6.71 -0.85
CA ILE A 8 2.85 -6.58 -0.32
C ILE A 8 1.83 -6.47 -1.44
N PHE A 9 0.59 -6.81 -1.15
CA PHE A 9 -0.49 -6.74 -2.13
C PHE A 9 -1.50 -5.65 -1.77
N VAL A 10 -1.75 -4.75 -2.71
CA VAL A 10 -2.69 -3.66 -2.50
C VAL A 10 -3.89 -3.78 -3.42
N LYS A 11 -5.08 -3.66 -2.86
CA LYS A 11 -6.32 -3.75 -3.63
C LYS A 11 -6.98 -2.38 -3.75
N THR A 12 -7.06 -1.87 -4.97
CA THR A 12 -7.68 -0.58 -5.23
C THR A 12 -9.19 -0.65 -5.11
N LEU A 13 -9.83 0.49 -4.89
CA LEU A 13 -11.27 0.55 -4.76
C LEU A 13 -11.96 0.01 -6.01
N THR A 14 -11.22 -0.04 -7.11
CA THR A 14 -11.75 -0.53 -8.38
C THR A 14 -11.52 -2.03 -8.53
N GLY A 15 -11.04 -2.65 -7.45
CA GLY A 15 -10.79 -4.08 -7.48
C GLY A 15 -9.59 -4.44 -8.32
N LYS A 16 -8.44 -3.87 -7.99
CA LYS A 16 -7.21 -4.13 -8.72
C LYS A 16 -6.11 -4.62 -7.78
N THR A 17 -5.62 -5.84 -8.03
CA THR A 17 -4.57 -6.42 -7.21
C THR A 17 -3.20 -6.03 -7.72
N ILE A 18 -2.43 -5.34 -6.89
CA ILE A 18 -1.09 -4.91 -7.26
C ILE A 18 -0.06 -5.40 -6.25
N THR A 19 1.11 -5.81 -6.74
CA THR A 19 2.18 -6.29 -5.89
C THR A 19 3.38 -5.35 -5.91
N ILE A 20 3.97 -5.11 -4.75
CA ILE A 20 5.12 -4.22 -4.64
C ILE A 20 6.13 -4.75 -3.61
N ASP A 21 7.39 -4.79 -4.00
CA ASP A 21 8.44 -5.27 -3.11
C ASP A 21 8.93 -4.15 -2.19
N VAL A 22 8.78 -4.36 -0.88
CA VAL A 22 9.19 -3.36 0.10
C VAL A 22 10.10 -3.99 1.16
N ASP A 23 10.84 -3.13 1.87
CA ASP A 23 11.75 -3.60 2.91
C ASP A 23 11.33 -3.07 4.27
N HIS A 24 11.83 -3.70 5.33
CA HIS A 24 11.51 -3.28 6.69
C HIS A 24 11.94 -1.85 6.94
N ALA A 25 12.81 -1.33 6.08
CA ALA A 25 13.30 0.03 6.19
C ALA A 25 12.45 0.99 5.38
N ASP A 26 11.36 0.49 4.83
CA ASP A 26 10.45 1.29 4.02
C ASP A 26 9.11 1.47 4.73
N THR A 27 8.76 2.72 5.05
CA THR A 27 7.51 3.01 5.72
C THR A 27 6.35 3.08 4.74
N VAL A 28 5.13 3.12 5.27
CA VAL A 28 3.94 3.19 4.43
C VAL A 28 4.05 4.33 3.43
N GLY A 29 4.44 5.51 3.91
CA GLY A 29 4.58 6.66 3.03
C GLY A 29 5.30 6.33 1.75
N ALA A 30 6.46 5.70 1.87
CA ALA A 30 7.25 5.32 0.69
C ALA A 30 6.49 4.36 -0.20
N VAL A 31 5.72 3.48 0.42
CA VAL A 31 4.93 2.49 -0.31
C VAL A 31 3.87 3.17 -1.17
N LYS A 32 3.16 4.13 -0.58
CA LYS A 32 2.12 4.85 -1.30
C LYS A 32 2.66 5.49 -2.57
N ALA A 33 3.86 6.06 -2.48
CA ALA A 33 4.48 6.69 -3.62
C ALA A 33 4.78 5.68 -4.72
N LYS A 34 5.24 4.50 -4.32
CA LYS A 34 5.56 3.44 -5.27
C LYS A 34 4.33 3.03 -6.07
N ILE A 35 3.20 2.89 -5.37
CA ILE A 35 1.95 2.50 -6.01
C ILE A 35 1.47 3.58 -6.98
N TYR A 36 1.67 4.84 -6.59
CA TYR A 36 1.26 5.97 -7.41
C TYR A 36 1.89 5.89 -8.81
N ASP A 37 3.19 5.60 -8.84
CA ASP A 37 3.90 5.49 -10.10
C ASP A 37 3.56 4.19 -10.81
N LYS A 38 3.26 3.15 -10.04
CA LYS A 38 2.91 1.85 -10.59
C LYS A 38 1.78 1.98 -11.60
N GLU A 39 0.73 2.72 -11.22
CA GLU A 39 -0.42 2.92 -12.09
C GLU A 39 -0.53 4.38 -12.51
N GLY A 40 -0.56 5.27 -11.53
CA GLY A 40 -0.67 6.69 -11.82
C GLY A 40 -1.83 7.34 -11.09
N ILE A 41 -1.92 7.09 -9.78
CA ILE A 41 -2.98 7.65 -8.97
C ILE A 41 -2.43 8.51 -7.85
N PRO A 42 -3.25 9.46 -7.36
CA PRO A 42 -2.85 10.37 -6.28
C PRO A 42 -2.73 9.66 -4.93
N PRO A 43 -1.50 9.58 -4.41
CA PRO A 43 -1.23 8.93 -3.13
C PRO A 43 -1.79 9.70 -1.95
N ASP A 44 -1.92 11.02 -2.11
CA ASP A 44 -2.46 11.87 -1.06
C ASP A 44 -3.97 11.77 -0.98
N GLN A 45 -4.57 11.22 -2.04
CA GLN A 45 -6.02 11.06 -2.09
C GLN A 45 -6.42 9.62 -1.76
N GLN A 46 -5.44 8.73 -1.74
CA GLN A 46 -5.69 7.32 -1.44
C GLN A 46 -5.21 6.98 -0.04
N ARG A 47 -5.77 5.91 0.52
CA ARG A 47 -5.40 5.46 1.86
C ARG A 47 -5.46 3.94 1.97
N LEU A 48 -4.82 3.40 2.99
CA LEU A 48 -4.80 1.95 3.21
C LEU A 48 -5.71 1.58 4.38
N ILE A 49 -6.31 0.38 4.29
CA ILE A 49 -7.20 -0.10 5.34
C ILE A 49 -6.98 -1.59 5.60
N PHE A 50 -6.78 -1.94 6.86
CA PHE A 50 -6.56 -3.33 7.24
C PHE A 50 -7.65 -3.80 8.20
N GLY A 51 -8.52 -4.68 7.71
CA GLY A 51 -9.59 -5.20 8.54
C GLY A 51 -10.69 -4.18 8.77
N GLY A 52 -10.49 -2.97 8.25
CA GLY A 52 -11.48 -1.92 8.42
C GLY A 52 -10.88 -0.63 8.92
N LYS A 53 -9.75 -0.73 9.62
CA LYS A 53 -9.06 0.43 10.15
C LYS A 53 -8.01 0.95 9.19
N GLN A 54 -7.83 2.26 9.15
CA GLN A 54 -6.84 2.88 8.27
C GLN A 54 -5.42 2.58 8.75
N LEU A 55 -4.45 2.80 7.86
CA LEU A 55 -3.05 2.55 8.20
C LEU A 55 -2.25 3.85 8.13
N GLU A 56 -1.54 4.16 9.21
CA GLU A 56 -0.73 5.36 9.27
C GLU A 56 0.44 5.29 8.29
N ASP A 57 1.27 6.32 8.28
CA ASP A 57 2.42 6.37 7.40
C ASP A 57 3.50 5.39 7.85
N SER A 58 3.43 4.97 9.10
CA SER A 58 4.40 4.04 9.66
C SER A 58 3.77 2.67 9.89
N ASN A 59 2.51 2.53 9.50
CA ASN A 59 1.79 1.27 9.66
C ASN A 59 2.18 0.27 8.58
N ALA A 60 3.30 -0.42 8.79
CA ALA A 60 3.77 -1.41 7.83
C ALA A 60 5.01 -2.13 8.36
N MET A 61 6.18 -1.56 8.10
CA MET A 61 7.44 -2.15 8.55
C MET A 61 7.43 -2.35 10.06
N SER A 62 7.06 -1.31 10.79
CA SER A 62 7.01 -1.37 12.25
C SER A 62 5.78 -2.14 12.72
N ASP A 63 4.70 -2.04 11.96
CA ASP A 63 3.46 -2.72 12.30
C ASP A 63 3.69 -4.23 12.42
N TYR A 64 4.70 -4.72 11.72
CA TYR A 64 5.02 -6.15 11.74
C TYR A 64 4.02 -6.94 10.91
N ASN A 65 3.28 -6.25 10.05
CA ASN A 65 2.29 -6.89 9.20
C ASN A 65 2.74 -6.88 7.74
N VAL A 66 4.02 -6.62 7.52
CA VAL A 66 4.57 -6.59 6.17
C VAL A 66 5.28 -7.90 5.84
N GLN A 67 4.51 -8.87 5.36
CA GLN A 67 5.05 -10.17 4.99
C GLN A 67 5.38 -10.23 3.51
N LYS A 68 5.84 -11.38 3.04
CA LYS A 68 6.20 -11.57 1.64
C LYS A 68 5.00 -11.32 0.74
N GLU A 69 3.80 -11.62 1.25
CA GLU A 69 2.57 -11.42 0.50
C GLU A 69 1.41 -11.07 1.42
N SER A 70 1.34 -9.81 1.83
CA SER A 70 0.28 -9.34 2.72
C SER A 70 -0.85 -8.70 1.92
N THR A 71 -2.08 -9.13 2.20
CA THR A 71 -3.25 -8.60 1.52
C THR A 71 -3.87 -7.45 2.30
N LEU A 72 -3.97 -6.29 1.66
CA LEU A 72 -4.55 -5.11 2.29
C LEU A 72 -5.55 -4.44 1.37
N HIS A 73 -6.52 -3.73 1.96
CA HIS A 73 -7.53 -3.02 1.18
C HIS A 73 -7.16 -1.56 1.01
N LEU A 74 -7.03 -1.13 -0.24
CA LEU A 74 -6.68 0.25 -0.55
C LEU A 74 -7.88 1.01 -1.10
N VAL A 75 -8.31 2.03 -0.38
CA VAL A 75 -9.45 2.85 -0.81
C VAL A 75 -9.01 4.26 -1.20
N LEU A 76 -9.42 4.68 -2.38
CA LEU A 76 -9.07 6.01 -2.88
C LEU A 76 -10.32 6.80 -3.24
N ARG A 77 -10.33 8.08 -2.87
CA ARG A 77 -11.47 8.95 -3.15
C ARG A 77 -11.06 10.08 -4.09
N LEU A 78 -10.66 9.73 -5.31
CA LEU A 78 -10.24 10.72 -6.29
C LEU A 78 -11.38 11.70 -6.59
N ARG A 79 -12.55 11.16 -6.89
CA ARG A 79 -13.71 11.99 -7.19
C ARG A 79 -13.41 12.96 -8.33
N GLY A 80 -14.33 13.88 -8.58
CA GLY A 80 -14.15 14.85 -9.64
C GLY A 80 -15.39 15.04 -10.49
N GLY A 81 -15.40 14.45 -11.67
CA GLY A 81 -16.54 14.57 -12.56
C GLY A 81 -16.45 15.77 -13.47
N VAL A 82 -16.78 15.57 -14.75
CA VAL A 82 -16.73 16.65 -15.72
C VAL A 82 -17.98 17.54 -15.64
N GLY A 1 14.76 -6.22 -11.41
CA GLY A 1 15.23 -7.21 -10.46
C GLY A 1 14.54 -7.10 -9.12
N PRO A 2 13.29 -7.57 -9.05
CA PRO A 2 12.48 -7.54 -7.82
C PRO A 2 13.01 -8.51 -6.76
N LEU A 3 13.52 -7.96 -5.67
CA LEU A 3 14.06 -8.78 -4.58
C LEU A 3 14.38 -7.93 -3.37
N GLY A 4 13.99 -8.39 -2.19
CA GLY A 4 14.25 -7.66 -0.97
C GLY A 4 13.90 -8.46 0.27
N SER A 5 13.13 -7.84 1.17
CA SER A 5 12.73 -8.50 2.41
C SER A 5 11.43 -9.28 2.21
N MET A 6 10.35 -8.57 1.97
CA MET A 6 9.04 -9.20 1.76
C MET A 6 8.20 -8.39 0.78
N GLN A 7 6.95 -8.80 0.59
CA GLN A 7 6.04 -8.12 -0.32
C GLN A 7 4.64 -8.00 0.28
N ILE A 8 3.87 -7.05 -0.23
CA ILE A 8 2.51 -6.84 0.26
C ILE A 8 1.52 -6.77 -0.90
N PHE A 9 0.27 -7.09 -0.61
CA PHE A 9 -0.79 -7.07 -1.63
C PHE A 9 -1.75 -5.93 -1.38
N VAL A 10 -1.94 -5.09 -2.40
CA VAL A 10 -2.85 -3.95 -2.29
C VAL A 10 -4.02 -4.09 -3.25
N LYS A 11 -5.24 -3.96 -2.73
CA LYS A 11 -6.44 -4.07 -3.56
C LYS A 11 -7.07 -2.70 -3.77
N THR A 12 -7.07 -2.23 -5.01
CA THR A 12 -7.65 -0.94 -5.34
C THR A 12 -9.17 -0.99 -5.31
N LEU A 13 -9.79 0.18 -5.19
CA LEU A 13 -11.25 0.27 -5.14
C LEU A 13 -11.87 -0.32 -6.40
N THR A 14 -11.07 -0.44 -7.46
CA THR A 14 -11.54 -0.99 -8.72
C THR A 14 -11.37 -2.50 -8.76
N GLY A 15 -10.96 -3.08 -7.64
CA GLY A 15 -10.76 -4.51 -7.56
C GLY A 15 -9.54 -4.97 -8.34
N LYS A 16 -8.39 -4.38 -8.01
CA LYS A 16 -7.14 -4.74 -8.68
C LYS A 16 -6.09 -5.20 -7.66
N THR A 17 -5.63 -6.44 -7.83
CA THR A 17 -4.62 -7.00 -6.93
C THR A 17 -3.21 -6.68 -7.41
N ILE A 18 -2.46 -5.96 -6.60
CA ILE A 18 -1.09 -5.60 -6.95
C ILE A 18 -0.11 -6.04 -5.86
N THR A 19 1.08 -6.48 -6.28
CA THR A 19 2.10 -6.94 -5.35
C THR A 19 3.32 -6.02 -5.40
N ILE A 20 3.88 -5.72 -4.23
CA ILE A 20 5.06 -4.86 -4.13
C ILE A 20 6.00 -5.34 -3.04
N ASP A 21 7.28 -5.44 -3.37
CA ASP A 21 8.29 -5.88 -2.41
C ASP A 21 8.74 -4.73 -1.53
N VAL A 22 8.58 -4.90 -0.22
CA VAL A 22 8.98 -3.87 0.74
C VAL A 22 9.75 -4.47 1.91
N ASP A 23 10.44 -3.61 2.66
CA ASP A 23 11.21 -4.06 3.81
C ASP A 23 10.65 -3.48 5.11
N HIS A 24 10.87 -4.19 6.21
CA HIS A 24 10.38 -3.75 7.51
C HIS A 24 10.98 -2.40 7.88
N ALA A 25 12.05 -2.01 7.18
CA ALA A 25 12.71 -0.74 7.44
C ALA A 25 12.06 0.38 6.65
N ASP A 26 10.94 0.08 6.00
CA ASP A 26 10.22 1.07 5.20
C ASP A 26 9.03 1.62 5.98
N THR A 27 8.17 2.36 5.29
CA THR A 27 6.99 2.96 5.91
C THR A 27 5.82 3.02 4.94
N VAL A 28 4.62 3.20 5.46
CA VAL A 28 3.42 3.29 4.64
C VAL A 28 3.58 4.35 3.56
N GLY A 29 4.01 5.53 3.95
CA GLY A 29 4.20 6.62 3.00
C GLY A 29 5.02 6.19 1.79
N ALA A 30 6.17 5.58 2.05
CA ALA A 30 7.04 5.13 0.97
C ALA A 30 6.33 4.11 0.07
N VAL A 31 5.58 3.21 0.68
CA VAL A 31 4.85 2.19 -0.06
C VAL A 31 3.84 2.83 -1.00
N LYS A 32 3.12 3.84 -0.50
CA LYS A 32 2.12 4.53 -1.30
C LYS A 32 2.72 5.06 -2.60
N ALA A 33 3.92 5.62 -2.49
CA ALA A 33 4.61 6.17 -3.66
C ALA A 33 4.94 5.08 -4.67
N LYS A 34 5.36 3.92 -4.16
CA LYS A 34 5.71 2.79 -5.02
C LYS A 34 4.50 2.35 -5.85
N ILE A 35 3.34 2.26 -5.21
CA ILE A 35 2.12 1.86 -5.89
C ILE A 35 1.69 2.91 -6.91
N TYR A 36 1.89 4.17 -6.58
CA TYR A 36 1.53 5.27 -7.47
C TYR A 36 2.21 5.12 -8.83
N ASP A 37 3.50 4.80 -8.81
CA ASP A 37 4.26 4.62 -10.04
C ASP A 37 3.91 3.30 -10.70
N LYS A 38 3.56 2.30 -9.89
CA LYS A 38 3.21 0.98 -10.39
C LYS A 38 2.11 1.08 -11.44
N GLU A 39 1.08 1.86 -11.15
CA GLU A 39 -0.05 2.04 -12.05
C GLU A 39 -0.12 3.48 -12.55
N GLY A 40 -0.15 4.42 -11.61
CA GLY A 40 -0.22 5.82 -11.97
C GLY A 40 -1.40 6.53 -11.31
N ILE A 41 -1.53 6.35 -10.01
CA ILE A 41 -2.63 6.97 -9.27
C ILE A 41 -2.09 7.89 -8.16
N PRO A 42 -2.89 8.87 -7.76
CA PRO A 42 -2.53 9.83 -6.71
C PRO A 42 -2.47 9.18 -5.33
N PRO A 43 -1.27 9.17 -4.73
CA PRO A 43 -1.05 8.58 -3.41
C PRO A 43 -1.70 9.41 -2.30
N ASP A 44 -1.81 10.70 -2.53
CA ASP A 44 -2.41 11.61 -1.56
C ASP A 44 -3.93 11.50 -1.58
N GLN A 45 -4.46 10.91 -2.65
CA GLN A 45 -5.91 10.75 -2.79
C GLN A 45 -6.33 9.33 -2.43
N GLN A 46 -5.36 8.44 -2.30
CA GLN A 46 -5.63 7.05 -1.95
C GLN A 46 -5.26 6.77 -0.50
N ARG A 47 -5.94 5.81 0.11
CA ARG A 47 -5.68 5.43 1.49
C ARG A 47 -5.76 3.92 1.68
N LEU A 48 -5.12 3.43 2.73
CA LEU A 48 -5.12 2.00 3.03
C LEU A 48 -6.05 1.67 4.19
N ILE A 49 -6.64 0.49 4.16
CA ILE A 49 -7.55 0.05 5.21
C ILE A 49 -7.34 -1.42 5.54
N PHE A 50 -7.14 -1.70 6.82
CA PHE A 50 -6.93 -3.07 7.28
C PHE A 50 -8.02 -3.50 8.25
N GLY A 51 -8.89 -4.39 7.81
CA GLY A 51 -9.98 -4.87 8.65
C GLY A 51 -11.08 -3.84 8.82
N GLY A 52 -10.87 -2.65 8.25
CA GLY A 52 -11.85 -1.60 8.35
C GLY A 52 -11.24 -0.27 8.80
N LYS A 53 -10.12 -0.36 9.51
CA LYS A 53 -9.44 0.83 9.99
C LYS A 53 -8.37 1.30 9.01
N GLN A 54 -8.18 2.61 8.93
CA GLN A 54 -7.18 3.18 8.02
C GLN A 54 -5.77 2.91 8.54
N LEU A 55 -4.78 3.07 7.65
CA LEU A 55 -3.39 2.85 8.01
C LEU A 55 -2.60 4.15 7.96
N GLU A 56 -1.95 4.48 9.06
CA GLU A 56 -1.15 5.71 9.13
C GLU A 56 0.05 5.63 8.21
N ASP A 57 0.91 6.65 8.27
CA ASP A 57 2.10 6.70 7.43
C ASP A 57 3.16 5.72 7.93
N SER A 58 3.12 5.43 9.23
CA SER A 58 4.07 4.50 9.83
C SER A 58 3.39 3.21 10.25
N ASN A 59 2.09 3.10 9.95
CA ASN A 59 1.32 1.92 10.29
C ASN A 59 1.47 0.84 9.23
N ALA A 60 2.57 0.09 9.30
CA ALA A 60 2.83 -0.97 8.34
C ALA A 60 4.09 -1.76 8.71
N MET A 61 5.24 -1.22 8.34
CA MET A 61 6.52 -1.86 8.63
C MET A 61 6.85 -1.76 10.12
N SER A 62 6.97 -0.53 10.61
CA SER A 62 7.28 -0.30 12.02
C SER A 62 6.24 -0.95 12.92
N ASP A 63 4.99 -0.97 12.46
CA ASP A 63 3.89 -1.56 13.22
C ASP A 63 4.17 -3.03 13.51
N TYR A 64 5.02 -3.63 12.69
CA TYR A 64 5.36 -5.05 12.85
C TYR A 64 4.22 -5.94 12.37
N ASN A 65 3.65 -5.60 11.22
CA ASN A 65 2.55 -6.37 10.66
C ASN A 65 2.77 -6.64 9.17
N VAL A 66 4.01 -6.45 8.72
CA VAL A 66 4.37 -6.68 7.33
C VAL A 66 4.79 -8.12 7.09
N GLN A 67 4.16 -8.77 6.12
CA GLN A 67 4.48 -10.16 5.80
C GLN A 67 4.88 -10.28 4.33
N LYS A 68 5.15 -11.51 3.91
CA LYS A 68 5.54 -11.78 2.53
C LYS A 68 4.37 -11.55 1.58
N GLU A 69 3.16 -11.79 2.06
CA GLU A 69 1.97 -11.62 1.25
C GLU A 69 0.78 -11.16 2.12
N SER A 70 0.78 -9.89 2.47
CA SER A 70 -0.28 -9.33 3.30
C SER A 70 -1.40 -8.76 2.43
N THR A 71 -2.64 -9.19 2.71
CA THR A 71 -3.79 -8.72 1.96
C THR A 71 -4.45 -7.52 2.65
N LEU A 72 -4.41 -6.37 1.98
CA LEU A 72 -5.00 -5.16 2.51
C LEU A 72 -5.93 -4.51 1.50
N HIS A 73 -6.91 -3.76 2.00
CA HIS A 73 -7.88 -3.08 1.13
C HIS A 73 -7.47 -1.62 0.92
N LEU A 74 -7.26 -1.25 -0.33
CA LEU A 74 -6.87 0.12 -0.66
C LEU A 74 -8.05 0.88 -1.27
N VAL A 75 -8.47 1.95 -0.60
CA VAL A 75 -9.58 2.76 -1.08
C VAL A 75 -9.09 4.13 -1.54
N LEU A 76 -9.40 4.48 -2.78
CA LEU A 76 -9.00 5.77 -3.35
C LEU A 76 -10.20 6.54 -3.86
N ARG A 77 -10.23 7.84 -3.59
CA ARG A 77 -11.33 8.69 -4.03
C ARG A 77 -10.86 9.70 -5.07
N LEU A 78 -10.48 9.21 -6.24
CA LEU A 78 -10.01 10.06 -7.32
C LEU A 78 -11.12 11.00 -7.80
N ARG A 79 -12.35 10.51 -7.75
CA ARG A 79 -13.50 11.30 -8.17
C ARG A 79 -13.59 12.60 -7.37
N GLY A 80 -13.09 12.58 -6.14
CA GLY A 80 -13.12 13.76 -5.31
C GLY A 80 -12.08 14.79 -5.72
N GLY A 81 -10.82 14.51 -5.41
CA GLY A 81 -9.76 15.43 -5.76
C GLY A 81 -9.83 16.72 -4.97
N VAL A 82 -8.74 17.50 -5.00
CA VAL A 82 -8.69 18.76 -4.28
C VAL A 82 -8.57 19.94 -5.23
N GLY A 1 20.90 -8.54 -7.19
CA GLY A 1 20.33 -9.74 -6.61
C GLY A 1 20.44 -9.76 -5.09
N PRO A 2 19.67 -8.88 -4.43
CA PRO A 2 19.67 -8.78 -2.97
C PRO A 2 19.04 -10.00 -2.31
N LEU A 3 18.95 -9.97 -0.98
CA LEU A 3 18.36 -11.06 -0.23
C LEU A 3 17.33 -10.55 0.77
N GLY A 4 16.37 -11.39 1.12
CA GLY A 4 15.33 -11.01 2.07
C GLY A 4 14.23 -10.19 1.41
N SER A 5 13.80 -9.14 2.11
CA SER A 5 12.74 -8.29 1.60
C SER A 5 11.44 -9.06 1.43
N MET A 6 10.34 -8.34 1.23
CA MET A 6 9.04 -8.96 1.05
C MET A 6 8.16 -8.13 0.11
N GLN A 7 6.91 -8.54 -0.04
CA GLN A 7 5.97 -7.84 -0.91
C GLN A 7 4.60 -7.76 -0.27
N ILE A 8 3.80 -6.79 -0.71
CA ILE A 8 2.45 -6.60 -0.18
C ILE A 8 1.43 -6.50 -1.30
N PHE A 9 0.17 -6.77 -0.97
CA PHE A 9 -0.91 -6.70 -1.95
C PHE A 9 -1.86 -5.55 -1.64
N VAL A 10 -2.08 -4.69 -2.62
CA VAL A 10 -2.97 -3.54 -2.45
C VAL A 10 -4.18 -3.65 -3.37
N LYS A 11 -5.37 -3.53 -2.78
CA LYS A 11 -6.61 -3.61 -3.55
C LYS A 11 -7.25 -2.23 -3.71
N THR A 12 -7.28 -1.73 -4.94
CA THR A 12 -7.86 -0.42 -5.21
C THR A 12 -9.39 -0.47 -5.13
N LEU A 13 -9.99 0.70 -4.98
CA LEU A 13 -11.45 0.79 -4.88
C LEU A 13 -12.11 0.22 -6.13
N THR A 14 -11.35 0.11 -7.21
CA THR A 14 -11.86 -0.43 -8.47
C THR A 14 -11.67 -1.93 -8.54
N GLY A 15 -11.25 -2.53 -7.43
CA GLY A 15 -11.04 -3.96 -7.39
C GLY A 15 -9.85 -4.39 -8.22
N LYS A 16 -8.69 -3.82 -7.92
CA LYS A 16 -7.46 -4.15 -8.65
C LYS A 16 -6.39 -4.65 -7.69
N THR A 17 -5.93 -5.88 -7.91
CA THR A 17 -4.89 -6.47 -7.07
C THR A 17 -3.51 -6.16 -7.61
N ILE A 18 -2.70 -5.47 -6.81
CA ILE A 18 -1.35 -5.11 -7.21
C ILE A 18 -0.33 -5.59 -6.18
N THR A 19 0.83 -6.03 -6.66
CA THR A 19 1.89 -6.52 -5.79
C THR A 19 3.11 -5.60 -5.83
N ILE A 20 3.68 -5.33 -4.67
CA ILE A 20 4.85 -4.48 -4.58
C ILE A 20 5.83 -4.98 -3.53
N ASP A 21 7.11 -5.06 -3.90
CA ASP A 21 8.14 -5.53 -2.98
C ASP A 21 8.61 -4.40 -2.08
N VAL A 22 8.50 -4.61 -0.76
CA VAL A 22 8.91 -3.61 0.21
C VAL A 22 9.72 -4.24 1.34
N ASP A 23 10.42 -3.40 2.10
CA ASP A 23 11.24 -3.89 3.20
C ASP A 23 10.69 -3.38 4.54
N HIS A 24 10.94 -4.14 5.60
CA HIS A 24 10.47 -3.77 6.94
C HIS A 24 11.06 -2.42 7.36
N ALA A 25 12.10 -1.99 6.66
CA ALA A 25 12.75 -0.72 6.97
C ALA A 25 12.06 0.44 6.26
N ASP A 26 10.93 0.14 5.62
CA ASP A 26 10.18 1.16 4.90
C ASP A 26 8.98 1.65 5.73
N THR A 27 8.07 2.37 5.09
CA THR A 27 6.89 2.89 5.77
C THR A 27 5.71 2.96 4.82
N VAL A 28 4.50 3.13 5.38
CA VAL A 28 3.29 3.22 4.58
C VAL A 28 3.39 4.32 3.54
N GLY A 29 3.81 5.50 3.97
CA GLY A 29 3.95 6.62 3.06
C GLY A 29 4.75 6.27 1.82
N ALA A 30 5.92 5.67 2.02
CA ALA A 30 6.77 5.28 0.92
C ALA A 30 6.07 4.29 0.00
N VAL A 31 5.36 3.33 0.59
CA VAL A 31 4.64 2.33 -0.17
C VAL A 31 3.59 2.97 -1.07
N LYS A 32 2.85 3.94 -0.52
CA LYS A 32 1.82 4.63 -1.28
C LYS A 32 2.39 5.24 -2.55
N ALA A 33 3.58 5.83 -2.44
CA ALA A 33 4.24 6.45 -3.59
C ALA A 33 4.57 5.42 -4.66
N LYS A 34 5.03 4.25 -4.22
CA LYS A 34 5.39 3.18 -5.14
C LYS A 34 4.18 2.76 -5.97
N ILE A 35 3.03 2.66 -5.33
CA ILE A 35 1.81 2.26 -6.02
C ILE A 35 1.36 3.34 -7.01
N TYR A 36 1.56 4.60 -6.64
CA TYR A 36 1.19 5.72 -7.49
C TYR A 36 1.86 5.61 -8.85
N ASP A 37 3.15 5.29 -8.85
CA ASP A 37 3.90 5.15 -10.09
C ASP A 37 3.55 3.85 -10.80
N LYS A 38 3.23 2.83 -10.03
CA LYS A 38 2.86 1.52 -10.58
C LYS A 38 1.74 1.67 -11.59
N GLU A 39 0.70 2.41 -11.23
CA GLU A 39 -0.44 2.63 -12.10
C GLU A 39 -0.50 4.07 -12.59
N GLY A 40 -0.49 5.01 -11.65
CA GLY A 40 -0.55 6.42 -12.01
C GLY A 40 -1.72 7.13 -11.37
N ILE A 41 -1.88 6.96 -10.07
CA ILE A 41 -2.98 7.59 -9.34
C ILE A 41 -2.45 8.38 -8.14
N PRO A 42 -3.26 9.34 -7.67
CA PRO A 42 -2.90 10.18 -6.52
C PRO A 42 -2.90 9.41 -5.21
N PRO A 43 -1.70 9.29 -4.60
CA PRO A 43 -1.53 8.57 -3.34
C PRO A 43 -2.16 9.31 -2.16
N ASP A 44 -2.15 10.63 -2.23
CA ASP A 44 -2.73 11.46 -1.18
C ASP A 44 -4.25 11.41 -1.21
N GLN A 45 -4.79 10.96 -2.34
CA GLN A 45 -6.25 10.87 -2.50
C GLN A 45 -6.76 9.49 -2.10
N GLN A 46 -5.83 8.55 -1.91
CA GLN A 46 -6.18 7.19 -1.52
C GLN A 46 -5.73 6.91 -0.09
N ARG A 47 -6.34 5.90 0.52
CA ARG A 47 -6.01 5.53 1.89
C ARG A 47 -6.00 4.01 2.05
N LEU A 48 -5.33 3.53 3.10
CA LEU A 48 -5.24 2.11 3.36
C LEU A 48 -6.18 1.71 4.50
N ILE A 49 -6.74 0.51 4.40
CA ILE A 49 -7.65 0.00 5.43
C ILE A 49 -7.41 -1.48 5.70
N PHE A 50 -7.15 -1.81 6.96
CA PHE A 50 -6.90 -3.19 7.34
C PHE A 50 -7.81 -3.61 8.50
N GLY A 51 -8.57 -4.68 8.28
CA GLY A 51 -9.48 -5.15 9.31
C GLY A 51 -10.60 -4.18 9.60
N GLY A 52 -10.72 -3.16 8.75
CA GLY A 52 -11.77 -2.17 8.93
C GLY A 52 -11.22 -0.81 9.32
N LYS A 53 -10.09 -0.81 10.02
CA LYS A 53 -9.46 0.43 10.45
C LYS A 53 -8.41 0.88 9.46
N GLN A 54 -8.25 2.20 9.32
CA GLN A 54 -7.26 2.76 8.40
C GLN A 54 -5.85 2.49 8.89
N LEU A 55 -4.87 2.77 8.03
CA LEU A 55 -3.47 2.56 8.37
C LEU A 55 -2.69 3.87 8.31
N GLU A 56 -1.97 4.18 9.38
CA GLU A 56 -1.18 5.41 9.44
C GLU A 56 -0.02 5.36 8.45
N ASP A 57 0.82 6.38 8.48
CA ASP A 57 1.97 6.46 7.58
C ASP A 57 3.05 5.47 8.00
N SER A 58 3.05 5.11 9.29
CA SER A 58 4.04 4.17 9.82
C SER A 58 3.37 2.85 10.18
N ASN A 59 2.08 2.73 9.90
CA ASN A 59 1.34 1.52 10.20
C ASN A 59 1.50 0.50 9.07
N ALA A 60 2.63 -0.21 9.07
CA ALA A 60 2.89 -1.21 8.05
C ALA A 60 4.18 -1.98 8.37
N MET A 61 5.31 -1.38 8.04
CA MET A 61 6.61 -2.01 8.28
C MET A 61 6.97 -1.95 9.76
N SER A 62 7.04 -0.75 10.31
CA SER A 62 7.37 -0.56 11.72
C SER A 62 6.38 -1.30 12.61
N ASP A 63 5.14 -1.37 12.16
CA ASP A 63 4.09 -2.06 12.92
C ASP A 63 4.41 -3.54 13.07
N TYR A 64 5.20 -4.07 12.13
CA TYR A 64 5.57 -5.47 12.16
C TYR A 64 4.45 -6.35 11.61
N ASN A 65 3.63 -5.77 10.74
CA ASN A 65 2.51 -6.49 10.14
C ASN A 65 2.75 -6.71 8.65
N VAL A 66 3.99 -6.46 8.21
CA VAL A 66 4.35 -6.63 6.81
C VAL A 66 4.84 -8.05 6.53
N GLN A 67 4.22 -8.72 5.58
CA GLN A 67 4.60 -10.09 5.23
C GLN A 67 4.95 -10.19 3.75
N LYS A 68 5.27 -11.39 3.30
CA LYS A 68 5.63 -11.62 1.90
C LYS A 68 4.44 -11.37 0.99
N GLU A 69 3.24 -11.62 1.50
CA GLU A 69 2.02 -11.41 0.73
C GLU A 69 0.85 -11.04 1.64
N SER A 70 0.77 -9.75 1.98
CA SER A 70 -0.29 -9.26 2.85
C SER A 70 -1.41 -8.62 2.04
N THR A 71 -2.65 -9.01 2.33
CA THR A 71 -3.80 -8.48 1.62
C THR A 71 -4.41 -7.30 2.37
N LEU A 72 -4.36 -6.13 1.75
CA LEU A 72 -4.90 -4.92 2.36
C LEU A 72 -5.91 -4.25 1.44
N HIS A 73 -6.86 -3.53 2.02
CA HIS A 73 -7.88 -2.84 1.25
C HIS A 73 -7.51 -1.37 1.05
N LEU A 74 -7.38 -0.96 -0.21
CA LEU A 74 -7.03 0.41 -0.54
C LEU A 74 -8.19 1.13 -1.23
N VAL A 75 -8.71 2.16 -0.57
CA VAL A 75 -9.82 2.92 -1.13
C VAL A 75 -9.39 4.34 -1.50
N LEU A 76 -9.90 4.84 -2.61
CA LEU A 76 -9.56 6.18 -3.08
C LEU A 76 -10.82 7.02 -3.28
N ARG A 77 -10.75 8.28 -2.87
CA ARG A 77 -11.89 9.19 -3.01
C ARG A 77 -11.67 10.17 -4.16
N LEU A 78 -11.25 9.64 -5.31
CA LEU A 78 -11.00 10.47 -6.48
C LEU A 78 -12.27 11.23 -6.89
N ARG A 79 -13.39 10.52 -6.92
CA ARG A 79 -14.66 11.13 -7.30
C ARG A 79 -14.58 11.75 -8.69
N GLY A 80 -13.92 11.04 -9.61
CA GLY A 80 -13.78 11.54 -10.97
C GLY A 80 -12.75 12.65 -11.07
N GLY A 81 -11.51 12.27 -11.36
CA GLY A 81 -10.44 13.26 -11.48
C GLY A 81 -9.40 12.85 -12.49
N VAL A 82 -8.13 12.90 -12.08
CA VAL A 82 -7.04 12.54 -12.96
C VAL A 82 -7.09 11.05 -13.33
N GLY A 1 15.23 -8.37 -12.33
CA GLY A 1 15.73 -9.13 -11.19
C GLY A 1 15.38 -8.49 -9.86
N PRO A 2 14.08 -8.47 -9.53
CA PRO A 2 13.60 -7.87 -8.28
C PRO A 2 14.01 -8.69 -7.05
N LEU A 3 14.30 -7.99 -5.96
CA LEU A 3 14.70 -8.65 -4.72
C LEU A 3 14.60 -7.69 -3.54
N GLY A 4 14.48 -8.25 -2.34
CA GLY A 4 14.39 -7.43 -1.14
C GLY A 4 14.05 -8.24 0.09
N SER A 5 13.39 -7.61 1.05
CA SER A 5 13.02 -8.28 2.29
C SER A 5 11.70 -9.04 2.13
N MET A 6 10.60 -8.30 2.10
CA MET A 6 9.29 -8.90 1.94
C MET A 6 8.44 -8.11 0.94
N GLN A 7 7.21 -8.56 0.73
CA GLN A 7 6.32 -7.90 -0.22
C GLN A 7 4.89 -7.83 0.35
N ILE A 8 4.11 -6.88 -0.13
CA ILE A 8 2.74 -6.71 0.32
C ILE A 8 1.77 -6.64 -0.86
N PHE A 9 0.49 -6.88 -0.58
CA PHE A 9 -0.53 -6.85 -1.62
C PHE A 9 -1.55 -5.74 -1.35
N VAL A 10 -1.74 -4.88 -2.34
CA VAL A 10 -2.68 -3.77 -2.21
C VAL A 10 -3.83 -3.92 -3.20
N LYS A 11 -5.05 -3.77 -2.70
CA LYS A 11 -6.25 -3.88 -3.54
C LYS A 11 -6.88 -2.52 -3.76
N THR A 12 -6.88 -2.06 -5.02
CA THR A 12 -7.45 -0.77 -5.36
C THR A 12 -8.98 -0.83 -5.35
N LEU A 13 -9.60 0.33 -5.24
CA LEU A 13 -11.06 0.42 -5.21
C LEU A 13 -11.66 -0.16 -6.49
N THR A 14 -10.84 -0.28 -7.53
CA THR A 14 -11.28 -0.83 -8.80
C THR A 14 -11.15 -2.34 -8.83
N GLY A 15 -10.73 -2.91 -7.70
CA GLY A 15 -10.57 -4.35 -7.62
C GLY A 15 -9.32 -4.84 -8.33
N LYS A 16 -8.18 -4.26 -7.98
CA LYS A 16 -6.92 -4.64 -8.60
C LYS A 16 -5.87 -4.95 -7.54
N THR A 17 -5.37 -6.19 -7.54
CA THR A 17 -4.37 -6.61 -6.58
C THR A 17 -2.95 -6.39 -7.11
N ILE A 18 -2.19 -5.56 -6.41
CA ILE A 18 -0.82 -5.26 -6.81
C ILE A 18 0.17 -5.71 -5.75
N THR A 19 1.30 -6.26 -6.20
CA THR A 19 2.34 -6.73 -5.29
C THR A 19 3.55 -5.81 -5.32
N ILE A 20 4.10 -5.52 -4.15
CA ILE A 20 5.26 -4.65 -4.03
C ILE A 20 6.20 -5.13 -2.93
N ASP A 21 7.49 -5.21 -3.25
CA ASP A 21 8.49 -5.64 -2.29
C ASP A 21 8.95 -4.48 -1.42
N VAL A 22 8.76 -4.62 -0.11
CA VAL A 22 9.15 -3.59 0.84
C VAL A 22 9.98 -4.17 1.98
N ASP A 23 10.68 -3.30 2.70
CA ASP A 23 11.52 -3.72 3.81
C ASP A 23 11.02 -3.11 5.13
N HIS A 24 11.44 -3.70 6.23
CA HIS A 24 11.04 -3.21 7.55
C HIS A 24 11.48 -1.77 7.75
N ALA A 25 12.42 -1.32 6.93
CA ALA A 25 12.93 0.04 7.01
C ALA A 25 12.11 0.99 6.15
N ASP A 26 11.03 0.47 5.58
CA ASP A 26 10.15 1.27 4.73
C ASP A 26 8.79 1.46 5.37
N THR A 27 8.41 2.72 5.60
CA THR A 27 7.13 3.02 6.22
C THR A 27 6.01 3.03 5.17
N VAL A 28 4.77 3.09 5.65
CA VAL A 28 3.61 3.11 4.77
C VAL A 28 3.75 4.20 3.70
N GLY A 29 4.10 5.40 4.14
CA GLY A 29 4.27 6.51 3.22
C GLY A 29 5.06 6.13 1.99
N ALA A 30 6.23 5.54 2.20
CA ALA A 30 7.09 5.12 1.09
C ALA A 30 6.37 4.10 0.21
N VAL A 31 5.59 3.23 0.83
CA VAL A 31 4.86 2.20 0.09
C VAL A 31 3.83 2.82 -0.85
N LYS A 32 3.09 3.80 -0.35
CA LYS A 32 2.08 4.49 -1.15
C LYS A 32 2.69 5.05 -2.43
N ALA A 33 3.88 5.65 -2.30
CA ALA A 33 4.56 6.22 -3.45
C ALA A 33 4.92 5.15 -4.47
N LYS A 34 5.38 4.01 -3.98
CA LYS A 34 5.77 2.91 -4.84
C LYS A 34 4.59 2.44 -5.69
N ILE A 35 3.41 2.41 -5.09
CA ILE A 35 2.21 1.99 -5.80
C ILE A 35 1.79 3.02 -6.84
N TYR A 36 1.99 4.29 -6.52
CA TYR A 36 1.64 5.37 -7.43
C TYR A 36 2.34 5.21 -8.77
N ASP A 37 3.62 4.89 -8.73
CA ASP A 37 4.41 4.69 -9.94
C ASP A 37 4.07 3.36 -10.60
N LYS A 38 3.76 2.36 -9.79
CA LYS A 38 3.42 1.03 -10.28
C LYS A 38 2.24 1.11 -11.26
N GLU A 39 1.19 1.82 -10.86
CA GLU A 39 0.01 1.97 -11.70
C GLU A 39 -0.04 3.35 -12.34
N GLY A 40 0.00 4.39 -11.51
CA GLY A 40 -0.02 5.75 -12.02
C GLY A 40 -1.18 6.55 -11.44
N ILE A 41 -1.36 6.46 -10.13
CA ILE A 41 -2.43 7.19 -9.45
C ILE A 41 -1.91 7.96 -8.26
N PRO A 42 -2.67 8.99 -7.84
CA PRO A 42 -2.30 9.84 -6.70
C PRO A 42 -2.38 9.09 -5.37
N PRO A 43 -1.24 9.00 -4.67
CA PRO A 43 -1.16 8.32 -3.37
C PRO A 43 -1.90 9.08 -2.27
N ASP A 44 -1.67 10.39 -2.22
CA ASP A 44 -2.31 11.23 -1.22
C ASP A 44 -3.83 11.19 -1.36
N GLN A 45 -4.30 10.74 -2.52
CA GLN A 45 -5.73 10.65 -2.79
C GLN A 45 -6.28 9.29 -2.37
N GLN A 46 -5.37 8.36 -2.10
CA GLN A 46 -5.76 7.01 -1.69
C GLN A 46 -5.28 6.70 -0.28
N ARG A 47 -5.98 5.80 0.39
CA ARG A 47 -5.62 5.42 1.75
C ARG A 47 -5.68 3.91 1.93
N LEU A 48 -5.08 3.41 3.00
CA LEU A 48 -5.07 1.98 3.28
C LEU A 48 -6.06 1.63 4.39
N ILE A 49 -6.66 0.45 4.30
CA ILE A 49 -7.63 0.01 5.29
C ILE A 49 -7.44 -1.48 5.61
N PHE A 50 -7.26 -1.78 6.88
CA PHE A 50 -7.07 -3.16 7.32
C PHE A 50 -8.04 -3.52 8.44
N GLY A 51 -8.82 -4.57 8.23
CA GLY A 51 -9.78 -5.00 9.23
C GLY A 51 -10.89 -3.99 9.42
N GLY A 52 -10.95 -2.99 8.55
CA GLY A 52 -11.98 -1.97 8.65
C GLY A 52 -11.42 -0.62 9.03
N LYS A 53 -10.32 -0.62 9.77
CA LYS A 53 -9.69 0.62 10.20
C LYS A 53 -8.57 1.02 9.24
N GLN A 54 -8.38 2.32 9.07
CA GLN A 54 -7.35 2.84 8.18
C GLN A 54 -5.96 2.57 8.74
N LEU A 55 -4.93 2.83 7.94
CA LEU A 55 -3.55 2.62 8.36
C LEU A 55 -2.75 3.91 8.24
N GLU A 56 -2.07 4.27 9.33
CA GLU A 56 -1.26 5.49 9.35
C GLU A 56 -0.07 5.37 8.40
N ASP A 57 0.75 6.41 8.36
CA ASP A 57 1.92 6.42 7.49
C ASP A 57 3.00 5.48 8.02
N SER A 58 2.90 5.13 9.29
CA SER A 58 3.86 4.24 9.92
C SER A 58 3.25 2.88 10.22
N ASN A 59 2.00 2.70 9.80
CA ASN A 59 1.28 1.45 10.02
C ASN A 59 1.70 0.40 9.00
N ALA A 60 2.81 -0.28 9.27
CA ALA A 60 3.31 -1.32 8.39
C ALA A 60 4.53 -2.01 8.99
N MET A 61 5.71 -1.46 8.73
CA MET A 61 6.95 -2.02 9.25
C MET A 61 6.88 -2.20 10.76
N SER A 62 6.50 -1.12 11.45
CA SER A 62 6.40 -1.16 12.91
C SER A 62 5.14 -1.90 13.35
N ASP A 63 4.09 -1.79 12.55
CA ASP A 63 2.83 -2.45 12.86
C ASP A 63 3.02 -3.96 13.01
N TYR A 64 4.06 -4.47 12.37
CA TYR A 64 4.35 -5.90 12.44
C TYR A 64 3.36 -6.70 11.60
N ASN A 65 2.69 -6.03 10.68
CA ASN A 65 1.72 -6.67 9.81
C ASN A 65 2.23 -6.73 8.37
N VAL A 66 3.52 -6.47 8.19
CA VAL A 66 4.13 -6.49 6.87
C VAL A 66 4.84 -7.81 6.62
N GLN A 67 4.09 -8.81 6.17
CA GLN A 67 4.64 -10.12 5.88
C GLN A 67 5.01 -10.26 4.41
N LYS A 68 5.49 -11.43 4.03
CA LYS A 68 5.88 -11.69 2.65
C LYS A 68 4.71 -11.44 1.70
N GLU A 69 3.49 -11.66 2.18
CA GLU A 69 2.30 -11.46 1.38
C GLU A 69 1.12 -11.02 2.24
N SER A 70 1.05 -9.72 2.52
CA SER A 70 -0.02 -9.18 3.35
C SER A 70 -1.14 -8.60 2.47
N THR A 71 -2.37 -9.01 2.76
CA THR A 71 -3.52 -8.54 2.01
C THR A 71 -4.18 -7.35 2.69
N LEU A 72 -4.20 -6.21 1.99
CA LEU A 72 -4.79 -4.99 2.54
C LEU A 72 -5.73 -4.36 1.52
N HIS A 73 -6.72 -3.61 2.02
CA HIS A 73 -7.69 -2.94 1.15
C HIS A 73 -7.29 -1.48 0.93
N LEU A 74 -7.08 -1.11 -0.33
CA LEU A 74 -6.69 0.24 -0.68
C LEU A 74 -7.83 0.96 -1.41
N VAL A 75 -8.33 2.02 -0.81
CA VAL A 75 -9.42 2.79 -1.39
C VAL A 75 -8.94 4.18 -1.82
N LEU A 76 -9.39 4.63 -2.98
CA LEU A 76 -9.00 5.94 -3.49
C LEU A 76 -10.23 6.79 -3.81
N ARG A 77 -10.17 8.07 -3.43
CA ARG A 77 -11.29 8.97 -3.67
C ARG A 77 -11.03 9.82 -4.92
N LEU A 78 -10.60 9.17 -6.00
CA LEU A 78 -10.32 9.86 -7.24
C LEU A 78 -11.58 10.53 -7.78
N ARG A 79 -12.68 9.80 -7.78
CA ARG A 79 -13.95 10.32 -8.27
C ARG A 79 -13.85 10.70 -9.74
N GLY A 80 -14.91 11.32 -10.27
CA GLY A 80 -14.92 11.73 -11.65
C GLY A 80 -14.52 13.18 -11.84
N GLY A 81 -13.29 13.51 -11.43
CA GLY A 81 -12.81 14.87 -11.56
C GLY A 81 -11.97 15.30 -10.37
N VAL A 82 -10.65 15.16 -10.51
CA VAL A 82 -9.73 15.54 -9.44
C VAL A 82 -10.04 14.78 -8.15
N GLY A 1 14.04 -9.81 -12.50
CA GLY A 1 15.06 -9.73 -11.48
C GLY A 1 14.55 -9.14 -10.19
N PRO A 2 13.66 -9.89 -9.50
CA PRO A 2 13.07 -9.46 -8.23
C PRO A 2 14.08 -9.43 -7.09
N LEU A 3 13.82 -8.59 -6.10
CA LEU A 3 14.72 -8.49 -4.95
C LEU A 3 14.10 -7.60 -3.87
N GLY A 4 14.29 -8.00 -2.61
CA GLY A 4 13.75 -7.22 -1.50
C GLY A 4 13.35 -8.10 -0.33
N SER A 5 13.24 -7.50 0.84
CA SER A 5 12.86 -8.23 2.05
C SER A 5 11.54 -8.95 1.86
N MET A 6 10.44 -8.19 1.89
CA MET A 6 9.11 -8.77 1.71
C MET A 6 8.29 -7.94 0.73
N GLN A 7 7.06 -8.37 0.48
CA GLN A 7 6.17 -7.66 -0.44
C GLN A 7 4.75 -7.61 0.12
N ILE A 8 3.99 -6.61 -0.32
CA ILE A 8 2.61 -6.45 0.12
C ILE A 8 1.65 -6.32 -1.05
N PHE A 9 0.38 -6.58 -0.80
CA PHE A 9 -0.64 -6.50 -1.84
C PHE A 9 -1.64 -5.38 -1.54
N VAL A 10 -1.81 -4.48 -2.51
CA VAL A 10 -2.73 -3.36 -2.35
C VAL A 10 -3.90 -3.47 -3.32
N LYS A 11 -5.12 -3.30 -2.80
CA LYS A 11 -6.31 -3.37 -3.63
C LYS A 11 -6.93 -1.99 -3.82
N THR A 12 -6.90 -1.50 -5.06
CA THR A 12 -7.45 -0.19 -5.37
C THR A 12 -8.98 -0.23 -5.41
N LEU A 13 -9.60 0.93 -5.21
CA LEU A 13 -11.05 1.03 -5.21
C LEU A 13 -11.62 0.62 -6.56
N THR A 14 -10.76 0.58 -7.58
CA THR A 14 -11.18 0.20 -8.92
C THR A 14 -11.19 -1.31 -9.09
N GLY A 15 -10.71 -2.01 -8.07
CA GLY A 15 -10.67 -3.47 -8.13
C GLY A 15 -9.43 -3.99 -8.84
N LYS A 16 -8.26 -3.70 -8.28
CA LYS A 16 -7.01 -4.14 -8.87
C LYS A 16 -6.00 -4.52 -7.79
N THR A 17 -5.40 -5.69 -7.93
CA THR A 17 -4.41 -6.17 -6.95
C THR A 17 -2.99 -5.89 -7.43
N ILE A 18 -2.26 -5.09 -6.66
CA ILE A 18 -0.89 -4.74 -7.01
C ILE A 18 0.08 -5.22 -5.94
N THR A 19 1.23 -5.74 -6.38
CA THR A 19 2.24 -6.25 -5.46
C THR A 19 3.47 -5.33 -5.44
N ILE A 20 4.00 -5.09 -4.26
CA ILE A 20 5.19 -4.24 -4.11
C ILE A 20 6.12 -4.77 -3.02
N ASP A 21 7.40 -4.85 -3.35
CA ASP A 21 8.40 -5.35 -2.40
C ASP A 21 8.88 -4.23 -1.49
N VAL A 22 8.67 -4.41 -0.18
CA VAL A 22 9.07 -3.41 0.80
C VAL A 22 9.92 -4.04 1.90
N ASP A 23 10.65 -3.20 2.64
CA ASP A 23 11.49 -3.67 3.72
C ASP A 23 11.04 -3.10 5.06
N HIS A 24 11.46 -3.73 6.15
CA HIS A 24 11.10 -3.28 7.48
C HIS A 24 11.57 -1.85 7.72
N ALA A 25 12.51 -1.40 6.90
CA ALA A 25 13.04 -0.04 7.02
C ALA A 25 12.24 0.95 6.18
N ASP A 26 11.14 0.47 5.60
CA ASP A 26 10.29 1.31 4.78
C ASP A 26 8.93 1.52 5.44
N THR A 27 8.59 2.77 5.71
CA THR A 27 7.32 3.09 6.34
C THR A 27 6.19 3.16 5.32
N VAL A 28 4.96 3.24 5.80
CA VAL A 28 3.80 3.31 4.93
C VAL A 28 3.95 4.43 3.90
N GLY A 29 4.34 5.61 4.38
CA GLY A 29 4.52 6.74 3.49
C GLY A 29 5.29 6.39 2.24
N ALA A 30 6.44 5.75 2.42
CA ALA A 30 7.29 5.35 1.29
C ALA A 30 6.54 4.39 0.38
N VAL A 31 5.73 3.52 0.97
CA VAL A 31 4.97 2.54 0.20
C VAL A 31 3.96 3.23 -0.70
N LYS A 32 3.24 4.21 -0.16
CA LYS A 32 2.24 4.95 -0.92
C LYS A 32 2.85 5.55 -2.18
N ALA A 33 4.04 6.10 -2.05
CA ALA A 33 4.74 6.71 -3.18
C ALA A 33 5.06 5.66 -4.25
N LYS A 34 5.49 4.48 -3.81
CA LYS A 34 5.84 3.40 -4.72
C LYS A 34 4.62 3.00 -5.57
N ILE A 35 3.47 2.91 -4.93
CA ILE A 35 2.24 2.54 -5.62
C ILE A 35 1.83 3.62 -6.62
N TYR A 36 2.06 4.88 -6.26
CA TYR A 36 1.72 6.00 -7.12
C TYR A 36 2.39 5.86 -8.49
N ASP A 37 3.67 5.52 -8.47
CA ASP A 37 4.43 5.36 -9.71
C ASP A 37 4.06 4.06 -10.41
N LYS A 38 3.75 3.03 -9.61
CA LYS A 38 3.37 1.73 -10.16
C LYS A 38 2.19 1.86 -11.10
N GLU A 39 1.16 2.57 -10.66
CA GLU A 39 -0.05 2.76 -11.47
C GLU A 39 -0.08 4.17 -12.06
N GLY A 40 -0.02 5.17 -11.19
CA GLY A 40 -0.04 6.55 -11.63
C GLY A 40 -1.18 7.34 -11.02
N ILE A 41 -1.35 7.21 -9.71
CA ILE A 41 -2.41 7.91 -9.00
C ILE A 41 -1.86 8.68 -7.81
N PRO A 42 -2.62 9.68 -7.35
CA PRO A 42 -2.23 10.52 -6.20
C PRO A 42 -2.26 9.75 -4.89
N PRO A 43 -1.10 9.61 -4.25
CA PRO A 43 -0.97 8.89 -2.98
C PRO A 43 -1.62 9.66 -1.82
N ASP A 44 -1.60 10.98 -1.91
CA ASP A 44 -2.19 11.83 -0.87
C ASP A 44 -3.72 11.78 -0.94
N GLN A 45 -4.24 11.31 -2.06
CA GLN A 45 -5.68 11.21 -2.24
C GLN A 45 -6.19 9.81 -1.92
N GLN A 46 -5.25 8.87 -1.77
CA GLN A 46 -5.60 7.48 -1.45
C GLN A 46 -5.07 7.10 -0.08
N ARG A 47 -5.77 6.17 0.58
CA ARG A 47 -5.37 5.72 1.90
C ARG A 47 -5.50 4.19 2.00
N LEU A 48 -4.88 3.63 3.03
CA LEU A 48 -4.92 2.19 3.25
C LEU A 48 -5.88 1.83 4.37
N ILE A 49 -6.51 0.67 4.26
CA ILE A 49 -7.46 0.21 5.26
C ILE A 49 -7.31 -1.28 5.52
N PHE A 50 -7.16 -1.65 6.79
CA PHE A 50 -7.01 -3.05 7.18
C PHE A 50 -8.17 -3.50 8.08
N GLY A 51 -9.05 -4.33 7.55
CA GLY A 51 -10.17 -4.81 8.32
C GLY A 51 -11.23 -3.76 8.52
N GLY A 52 -10.96 -2.55 8.05
CA GLY A 52 -11.92 -1.45 8.18
C GLY A 52 -11.28 -0.19 8.72
N LYS A 53 -10.17 -0.36 9.45
CA LYS A 53 -9.47 0.78 10.03
C LYS A 53 -8.36 1.27 9.09
N GLN A 54 -8.14 2.58 9.07
CA GLN A 54 -7.12 3.18 8.23
C GLN A 54 -5.73 2.86 8.76
N LEU A 55 -4.71 3.04 7.91
CA LEU A 55 -3.33 2.78 8.30
C LEU A 55 -2.52 4.07 8.29
N GLU A 56 -1.83 4.35 9.39
CA GLU A 56 -1.01 5.55 9.51
C GLU A 56 0.18 5.48 8.56
N ASP A 57 0.99 6.53 8.57
CA ASP A 57 2.16 6.60 7.70
C ASP A 57 3.25 5.65 8.18
N SER A 58 3.19 5.27 9.46
CA SER A 58 4.17 4.37 10.05
C SER A 58 3.54 3.02 10.36
N ASN A 59 2.27 2.87 9.99
CA ASN A 59 1.56 1.62 10.24
C ASN A 59 1.89 0.57 9.18
N ALA A 60 2.98 -0.16 9.41
CA ALA A 60 3.41 -1.19 8.49
C ALA A 60 4.61 -1.95 9.03
N MET A 61 5.81 -1.44 8.74
CA MET A 61 7.05 -2.06 9.20
C MET A 61 7.00 -2.33 10.69
N SER A 62 6.69 -1.28 11.46
CA SER A 62 6.61 -1.39 12.91
C SER A 62 5.33 -2.10 13.34
N ASP A 63 4.26 -1.88 12.57
CA ASP A 63 2.98 -2.49 12.87
C ASP A 63 3.09 -4.02 12.92
N TYR A 64 4.09 -4.55 12.24
CA TYR A 64 4.31 -5.99 12.21
C TYR A 64 3.29 -6.68 11.31
N ASN A 65 2.66 -5.91 10.44
CA ASN A 65 1.65 -6.45 9.53
C ASN A 65 2.17 -6.48 8.11
N VAL A 66 3.48 -6.36 7.95
CA VAL A 66 4.12 -6.37 6.64
C VAL A 66 4.78 -7.72 6.36
N GLN A 67 3.99 -8.66 5.86
CA GLN A 67 4.50 -9.99 5.54
C GLN A 67 4.91 -10.10 4.08
N LYS A 68 5.33 -11.28 3.67
CA LYS A 68 5.75 -11.51 2.29
C LYS A 68 4.60 -11.25 1.33
N GLU A 69 3.38 -11.49 1.79
CA GLU A 69 2.20 -11.27 0.96
C GLU A 69 1.00 -10.87 1.82
N SER A 70 0.98 -9.61 2.24
CA SER A 70 -0.11 -9.10 3.07
C SER A 70 -1.20 -8.46 2.20
N THR A 71 -2.44 -8.88 2.43
CA THR A 71 -3.57 -8.36 1.68
C THR A 71 -4.23 -7.20 2.42
N LEU A 72 -4.27 -6.03 1.77
CA LEU A 72 -4.87 -4.84 2.36
C LEU A 72 -5.80 -4.15 1.37
N HIS A 73 -6.80 -3.44 1.89
CA HIS A 73 -7.75 -2.72 1.05
C HIS A 73 -7.36 -1.26 0.91
N LEU A 74 -7.12 -0.83 -0.33
CA LEU A 74 -6.74 0.55 -0.60
C LEU A 74 -7.88 1.31 -1.25
N VAL A 75 -8.35 2.36 -0.58
CA VAL A 75 -9.44 3.18 -1.09
C VAL A 75 -8.96 4.59 -1.42
N LEU A 76 -9.33 5.07 -2.59
CA LEU A 76 -8.95 6.41 -3.03
C LEU A 76 -10.16 7.30 -3.24
N ARG A 77 -10.07 8.55 -2.79
CA ARG A 77 -11.16 9.49 -2.92
C ARG A 77 -11.16 10.15 -4.30
N LEU A 78 -11.17 9.33 -5.34
CA LEU A 78 -11.17 9.82 -6.71
C LEU A 78 -12.59 10.10 -7.20
N ARG A 79 -13.44 9.09 -7.09
CA ARG A 79 -14.83 9.23 -7.52
C ARG A 79 -14.92 9.52 -9.02
N GLY A 80 -14.09 8.83 -9.80
CA GLY A 80 -14.09 9.02 -11.23
C GLY A 80 -13.06 8.15 -11.93
N GLY A 81 -11.89 8.01 -11.32
CA GLY A 81 -10.85 7.20 -11.92
C GLY A 81 -9.65 8.02 -12.36
N VAL A 82 -8.63 7.34 -12.89
CA VAL A 82 -7.43 8.02 -13.36
C VAL A 82 -7.76 9.04 -14.45
N GLY A 1 10.16 -10.62 -7.97
CA GLY A 1 10.90 -9.92 -6.94
C GLY A 1 12.19 -10.64 -6.57
N PRO A 2 13.19 -10.57 -7.45
CA PRO A 2 14.48 -11.21 -7.23
C PRO A 2 15.29 -10.54 -6.13
N LEU A 3 14.98 -9.27 -5.87
CA LEU A 3 15.67 -8.52 -4.83
C LEU A 3 14.68 -7.74 -3.97
N GLY A 4 14.79 -7.92 -2.65
CA GLY A 4 13.89 -7.23 -1.74
C GLY A 4 13.65 -8.00 -0.46
N SER A 5 13.17 -7.32 0.56
CA SER A 5 12.89 -7.96 1.85
C SER A 5 11.62 -8.79 1.79
N MET A 6 10.48 -8.11 1.80
CA MET A 6 9.19 -8.78 1.74
C MET A 6 8.30 -8.17 0.67
N GLN A 7 7.06 -8.64 0.59
CA GLN A 7 6.11 -8.14 -0.41
C GLN A 7 4.72 -7.98 0.20
N ILE A 8 3.93 -7.09 -0.39
CA ILE A 8 2.57 -6.84 0.09
C ILE A 8 1.59 -6.73 -1.06
N PHE A 9 0.34 -7.06 -0.79
CA PHE A 9 -0.71 -6.99 -1.81
C PHE A 9 -1.67 -5.85 -1.53
N VAL A 10 -1.87 -4.99 -2.52
CA VAL A 10 -2.78 -3.86 -2.38
C VAL A 10 -3.99 -3.99 -3.29
N LYS A 11 -5.18 -3.84 -2.71
CA LYS A 11 -6.42 -3.95 -3.47
C LYS A 11 -7.06 -2.58 -3.67
N THR A 12 -7.09 -2.12 -4.92
CA THR A 12 -7.67 -0.83 -5.24
C THR A 12 -9.19 -0.88 -5.18
N LEU A 13 -9.82 0.29 -5.11
CA LEU A 13 -11.28 0.37 -5.04
C LEU A 13 -11.91 -0.26 -6.27
N THR A 14 -11.12 -0.42 -7.33
CA THR A 14 -11.60 -1.02 -8.57
C THR A 14 -11.32 -2.53 -8.60
N GLY A 15 -10.95 -3.08 -7.44
CA GLY A 15 -10.66 -4.49 -7.35
C GLY A 15 -9.44 -4.89 -8.16
N LYS A 16 -8.31 -4.26 -7.84
CA LYS A 16 -7.06 -4.55 -8.55
C LYS A 16 -5.99 -5.01 -7.57
N THR A 17 -5.49 -6.24 -7.77
CA THR A 17 -4.46 -6.80 -6.91
C THR A 17 -3.07 -6.49 -7.45
N ILE A 18 -2.27 -5.78 -6.66
CA ILE A 18 -0.91 -5.43 -7.06
C ILE A 18 0.09 -5.85 -6.00
N THR A 19 1.27 -6.30 -6.44
CA THR A 19 2.32 -6.73 -5.53
C THR A 19 3.48 -5.74 -5.52
N ILE A 20 4.05 -5.49 -4.34
CA ILE A 20 5.16 -4.57 -4.22
C ILE A 20 6.14 -5.04 -3.14
N ASP A 21 7.42 -5.04 -3.48
CA ASP A 21 8.45 -5.47 -2.54
C ASP A 21 8.85 -4.32 -1.60
N VAL A 22 8.81 -4.59 -0.31
CA VAL A 22 9.15 -3.60 0.70
C VAL A 22 9.91 -4.23 1.86
N ASP A 23 10.56 -3.39 2.66
CA ASP A 23 11.32 -3.86 3.81
C ASP A 23 10.71 -3.34 5.11
N HIS A 24 10.92 -4.09 6.19
CA HIS A 24 10.39 -3.71 7.50
C HIS A 24 10.96 -2.37 7.95
N ALA A 25 12.03 -1.94 7.29
CA ALA A 25 12.67 -0.67 7.62
C ALA A 25 12.01 0.49 6.86
N ASP A 26 10.92 0.19 6.18
CA ASP A 26 10.20 1.20 5.41
C ASP A 26 8.98 1.69 6.18
N THR A 27 8.10 2.41 5.50
CA THR A 27 6.89 2.95 6.12
C THR A 27 5.73 2.99 5.12
N VAL A 28 4.53 3.19 5.64
CA VAL A 28 3.34 3.25 4.79
C VAL A 28 3.48 4.33 3.73
N GLY A 29 3.88 5.53 4.15
CA GLY A 29 4.05 6.63 3.22
C GLY A 29 4.88 6.24 2.02
N ALA A 30 6.04 5.64 2.27
CA ALA A 30 6.93 5.22 1.19
C ALA A 30 6.25 4.21 0.27
N VAL A 31 5.51 3.28 0.87
CA VAL A 31 4.80 2.26 0.10
C VAL A 31 3.78 2.89 -0.84
N LYS A 32 3.04 3.87 -0.33
CA LYS A 32 2.04 4.56 -1.13
C LYS A 32 2.64 5.13 -2.41
N ALA A 33 3.82 5.73 -2.28
CA ALA A 33 4.50 6.31 -3.43
C ALA A 33 4.88 5.24 -4.44
N LYS A 34 5.30 4.08 -3.94
CA LYS A 34 5.69 2.97 -4.81
C LYS A 34 4.53 2.54 -5.70
N ILE A 35 3.34 2.46 -5.12
CA ILE A 35 2.15 2.06 -5.86
C ILE A 35 1.78 3.10 -6.90
N TYR A 36 1.99 4.37 -6.56
CA TYR A 36 1.67 5.47 -7.46
C TYR A 36 2.39 5.30 -8.80
N ASP A 37 3.67 4.97 -8.74
CA ASP A 37 4.47 4.78 -9.94
C ASP A 37 4.13 3.45 -10.61
N LYS A 38 3.77 2.46 -9.80
CA LYS A 38 3.42 1.14 -10.31
C LYS A 38 2.31 1.24 -11.36
N GLU A 39 1.27 2.02 -11.04
CA GLU A 39 0.14 2.20 -11.95
C GLU A 39 0.09 3.64 -12.46
N GLY A 40 -0.03 4.58 -11.53
CA GLY A 40 -0.10 5.98 -11.90
C GLY A 40 -1.29 6.69 -11.27
N ILE A 41 -1.41 6.57 -9.95
CA ILE A 41 -2.51 7.20 -9.23
C ILE A 41 -1.99 8.01 -8.03
N PRO A 42 -2.75 9.03 -7.63
CA PRO A 42 -2.39 9.89 -6.51
C PRO A 42 -2.49 9.17 -5.16
N PRO A 43 -1.34 9.02 -4.49
CA PRO A 43 -1.27 8.35 -3.19
C PRO A 43 -1.93 9.16 -2.08
N ASP A 44 -1.91 10.48 -2.22
CA ASP A 44 -2.51 11.37 -1.23
C ASP A 44 -4.03 11.34 -1.33
N GLN A 45 -4.54 10.82 -2.45
CA GLN A 45 -5.97 10.75 -2.66
C GLN A 45 -6.51 9.37 -2.25
N GLN A 46 -5.60 8.44 -2.02
CA GLN A 46 -5.98 7.08 -1.62
C GLN A 46 -5.51 6.78 -0.20
N ARG A 47 -6.21 5.87 0.47
CA ARG A 47 -5.86 5.49 1.83
C ARG A 47 -5.88 3.98 2.00
N LEU A 48 -5.27 3.50 3.07
CA LEU A 48 -5.22 2.07 3.35
C LEU A 48 -6.20 1.68 4.46
N ILE A 49 -6.74 0.48 4.37
CA ILE A 49 -7.69 -0.01 5.37
C ILE A 49 -7.43 -1.47 5.70
N PHE A 50 -7.22 -1.75 6.98
CA PHE A 50 -6.97 -3.11 7.44
C PHE A 50 -7.89 -3.49 8.59
N GLY A 51 -8.64 -4.57 8.39
CA GLY A 51 -9.57 -5.01 9.42
C GLY A 51 -10.70 -4.03 9.65
N GLY A 52 -10.81 -3.04 8.77
CA GLY A 52 -11.85 -2.04 8.90
C GLY A 52 -11.31 -0.67 9.26
N LYS A 53 -10.20 -0.66 9.99
CA LYS A 53 -9.57 0.60 10.39
C LYS A 53 -8.49 1.02 9.41
N GLN A 54 -8.33 2.33 9.23
CA GLN A 54 -7.33 2.85 8.31
C GLN A 54 -5.93 2.62 8.84
N LEU A 55 -4.93 2.81 7.98
CA LEU A 55 -3.53 2.62 8.37
C LEU A 55 -2.77 3.94 8.29
N GLU A 56 -2.09 4.28 9.38
CA GLU A 56 -1.32 5.52 9.44
C GLU A 56 -0.12 5.45 8.50
N ASP A 57 0.71 6.49 8.53
CA ASP A 57 1.90 6.54 7.68
C ASP A 57 2.96 5.57 8.16
N SER A 58 2.92 5.23 9.44
CA SER A 58 3.89 4.31 10.03
C SER A 58 3.23 2.99 10.40
N ASN A 59 1.94 2.86 10.06
CA ASN A 59 1.19 1.65 10.36
C ASN A 59 1.37 0.62 9.25
N ALA A 60 2.50 -0.10 9.29
CA ALA A 60 2.79 -1.11 8.29
C ALA A 60 4.06 -1.89 8.65
N MET A 61 5.21 -1.30 8.36
CA MET A 61 6.48 -1.93 8.64
C MET A 61 6.80 -1.87 10.13
N SER A 62 6.88 -0.66 10.67
CA SER A 62 7.16 -0.47 12.09
C SER A 62 6.13 -1.18 12.96
N ASP A 63 4.89 -1.21 12.48
CA ASP A 63 3.81 -1.87 13.22
C ASP A 63 4.13 -3.34 13.47
N TYR A 64 4.98 -3.90 12.63
CA TYR A 64 5.38 -5.30 12.76
C TYR A 64 4.29 -6.22 12.21
N ASN A 65 3.45 -5.67 11.33
CA ASN A 65 2.36 -6.45 10.73
C ASN A 65 2.63 -6.68 9.25
N VAL A 66 3.84 -6.38 8.80
CA VAL A 66 4.22 -6.55 7.41
C VAL A 66 4.78 -7.95 7.16
N GLN A 67 4.17 -8.67 6.22
CA GLN A 67 4.61 -10.01 5.89
C GLN A 67 4.97 -10.12 4.42
N LYS A 68 5.40 -11.31 4.00
CA LYS A 68 5.77 -11.54 2.61
C LYS A 68 4.56 -11.40 1.70
N GLU A 69 3.37 -11.70 2.23
CA GLU A 69 2.15 -11.61 1.46
C GLU A 69 1.00 -11.07 2.32
N SER A 70 1.00 -9.76 2.55
CA SER A 70 -0.03 -9.13 3.36
C SER A 70 -1.14 -8.54 2.48
N THR A 71 -2.36 -8.96 2.73
CA THR A 71 -3.51 -8.48 1.96
C THR A 71 -4.18 -7.29 2.66
N LEU A 72 -4.12 -6.14 2.01
CA LEU A 72 -4.73 -4.92 2.56
C LEU A 72 -5.70 -4.30 1.56
N HIS A 73 -6.68 -3.57 2.09
CA HIS A 73 -7.68 -2.91 1.24
C HIS A 73 -7.31 -1.46 1.00
N LEU A 74 -7.12 -1.10 -0.27
CA LEU A 74 -6.76 0.27 -0.63
C LEU A 74 -7.92 0.96 -1.34
N VAL A 75 -8.42 2.03 -0.72
CA VAL A 75 -9.53 2.79 -1.29
C VAL A 75 -9.09 4.18 -1.72
N LEU A 76 -9.54 4.59 -2.91
CA LEU A 76 -9.18 5.91 -3.44
C LEU A 76 -10.42 6.72 -3.75
N ARG A 77 -10.40 8.01 -3.40
CA ARG A 77 -11.53 8.90 -3.64
C ARG A 77 -11.26 9.79 -4.84
N LEU A 78 -10.68 9.22 -5.89
CA LEU A 78 -10.36 9.97 -7.10
C LEU A 78 -11.63 10.57 -7.71
N ARG A 79 -12.67 9.75 -7.83
CA ARG A 79 -13.94 10.21 -8.39
C ARG A 79 -13.80 10.49 -9.88
N GLY A 80 -13.17 11.60 -10.21
CA GLY A 80 -12.99 11.96 -11.61
C GLY A 80 -12.08 13.16 -11.79
N GLY A 81 -10.78 12.95 -11.64
CA GLY A 81 -9.82 14.03 -11.79
C GLY A 81 -9.29 14.52 -10.46
N VAL A 82 -8.64 15.68 -10.48
CA VAL A 82 -8.07 16.25 -9.26
C VAL A 82 -8.54 17.69 -9.07
N GLY A 1 24.49 -14.72 1.84
CA GLY A 1 23.16 -14.78 1.27
C GLY A 1 22.13 -14.07 2.11
N PRO A 2 22.24 -12.74 2.20
CA PRO A 2 21.32 -11.90 2.99
C PRO A 2 19.93 -11.84 2.37
N LEU A 3 18.92 -11.68 3.22
CA LEU A 3 17.54 -11.60 2.76
C LEU A 3 16.73 -10.62 3.60
N GLY A 4 15.47 -10.43 3.24
CA GLY A 4 14.61 -9.52 3.97
C GLY A 4 13.54 -8.90 3.11
N SER A 5 13.92 -8.50 1.90
CA SER A 5 12.97 -7.89 0.97
C SER A 5 11.71 -8.74 0.82
N MET A 6 10.62 -8.11 0.40
CA MET A 6 9.37 -8.82 0.22
C MET A 6 8.40 -8.01 -0.65
N GLN A 7 7.15 -8.45 -0.71
CA GLN A 7 6.14 -7.77 -1.51
C GLN A 7 4.81 -7.73 -0.78
N ILE A 8 3.95 -6.79 -1.16
CA ILE A 8 2.64 -6.64 -0.54
C ILE A 8 1.54 -6.58 -1.60
N PHE A 9 0.30 -6.80 -1.18
CA PHE A 9 -0.83 -6.77 -2.08
C PHE A 9 -1.80 -5.64 -1.71
N VAL A 10 -2.11 -4.78 -2.67
CA VAL A 10 -3.01 -3.67 -2.45
C VAL A 10 -4.26 -3.79 -3.31
N LYS A 11 -5.43 -3.63 -2.67
CA LYS A 11 -6.70 -3.72 -3.38
C LYS A 11 -7.34 -2.36 -3.52
N THR A 12 -7.43 -1.86 -4.74
CA THR A 12 -8.04 -0.56 -5.01
C THR A 12 -9.56 -0.61 -4.85
N LEU A 13 -10.16 0.56 -4.67
CA LEU A 13 -11.61 0.64 -4.51
C LEU A 13 -12.33 0.06 -5.72
N THR A 14 -11.62 -0.04 -6.83
CA THR A 14 -12.18 -0.58 -8.06
C THR A 14 -12.05 -2.10 -8.11
N GLY A 15 -11.57 -2.69 -7.01
CA GLY A 15 -11.39 -4.12 -6.96
C GLY A 15 -10.26 -4.60 -7.85
N LYS A 16 -9.07 -4.06 -7.63
CA LYS A 16 -7.90 -4.43 -8.42
C LYS A 16 -6.75 -4.86 -7.51
N THR A 17 -6.26 -6.08 -7.74
CA THR A 17 -5.17 -6.62 -6.95
C THR A 17 -3.81 -6.27 -7.56
N ILE A 18 -3.00 -5.54 -6.82
CA ILE A 18 -1.68 -5.14 -7.30
C ILE A 18 -0.59 -5.60 -6.33
N THR A 19 0.54 -6.01 -6.90
CA THR A 19 1.67 -6.48 -6.09
C THR A 19 2.86 -5.53 -6.21
N ILE A 20 3.52 -5.27 -5.08
CA ILE A 20 4.67 -4.39 -5.07
C ILE A 20 5.73 -4.89 -4.09
N ASP A 21 6.98 -4.93 -4.55
CA ASP A 21 8.09 -5.39 -3.71
C ASP A 21 8.59 -4.27 -2.81
N VAL A 22 8.58 -4.51 -1.51
CA VAL A 22 9.03 -3.51 -0.54
C VAL A 22 9.89 -4.16 0.53
N ASP A 23 10.63 -3.32 1.26
CA ASP A 23 11.50 -3.81 2.33
C ASP A 23 11.00 -3.34 3.70
N HIS A 24 11.29 -4.13 4.73
CA HIS A 24 10.87 -3.79 6.09
C HIS A 24 11.48 -2.46 6.53
N ALA A 25 12.49 -2.01 5.80
CA ALA A 25 13.16 -0.75 6.12
C ALA A 25 12.46 0.43 5.46
N ASP A 26 11.30 0.15 4.86
CA ASP A 26 10.53 1.19 4.19
C ASP A 26 9.36 1.65 5.06
N THR A 27 8.43 2.39 4.46
CA THR A 27 7.27 2.88 5.18
C THR A 27 6.05 2.96 4.27
N VAL A 28 4.88 3.19 4.86
CA VAL A 28 3.65 3.30 4.09
C VAL A 28 3.73 4.42 3.06
N GLY A 29 4.17 5.59 3.51
CA GLY A 29 4.29 6.73 2.61
C GLY A 29 5.02 6.37 1.32
N ALA A 30 6.19 5.77 1.45
CA ALA A 30 6.98 5.38 0.29
C ALA A 30 6.22 4.40 -0.59
N VAL A 31 5.52 3.46 0.04
CA VAL A 31 4.75 2.46 -0.69
C VAL A 31 3.64 3.12 -1.52
N LYS A 32 2.98 4.10 -0.92
CA LYS A 32 1.90 4.81 -1.60
C LYS A 32 2.39 5.41 -2.92
N ALA A 33 3.59 5.98 -2.90
CA ALA A 33 4.17 6.58 -4.09
C ALA A 33 4.42 5.53 -5.17
N LYS A 34 4.88 4.36 -4.76
CA LYS A 34 5.16 3.27 -5.69
C LYS A 34 3.90 2.86 -6.43
N ILE A 35 2.80 2.73 -5.70
CA ILE A 35 1.53 2.34 -6.29
C ILE A 35 1.02 3.42 -7.25
N TYR A 36 1.25 4.68 -6.89
CA TYR A 36 0.81 5.79 -7.71
C TYR A 36 1.38 5.68 -9.13
N ASP A 37 2.67 5.37 -9.22
CA ASP A 37 3.33 5.23 -10.51
C ASP A 37 2.93 3.92 -11.18
N LYS A 38 2.66 2.91 -10.37
CA LYS A 38 2.27 1.60 -10.89
C LYS A 38 1.09 1.72 -11.84
N GLU A 39 0.07 2.48 -11.43
CA GLU A 39 -1.12 2.67 -12.24
C GLU A 39 -1.24 4.13 -12.68
N GLY A 40 -1.20 5.04 -11.72
CA GLY A 40 -1.31 6.45 -12.04
C GLY A 40 -2.42 7.14 -11.25
N ILE A 41 -2.45 6.91 -9.95
CA ILE A 41 -3.47 7.51 -9.09
C ILE A 41 -2.83 8.39 -8.02
N PRO A 42 -3.61 9.37 -7.53
CA PRO A 42 -3.14 10.30 -6.50
C PRO A 42 -2.97 9.62 -5.14
N PRO A 43 -1.72 9.59 -4.65
CA PRO A 43 -1.40 8.97 -3.36
C PRO A 43 -1.95 9.77 -2.18
N ASP A 44 -2.08 11.07 -2.37
CA ASP A 44 -2.59 11.95 -1.33
C ASP A 44 -4.11 11.84 -1.21
N GLN A 45 -4.72 11.28 -2.25
CA GLN A 45 -6.18 11.13 -2.28
C GLN A 45 -6.58 9.70 -1.91
N GLN A 46 -5.59 8.80 -1.89
CA GLN A 46 -5.84 7.41 -1.55
C GLN A 46 -5.37 7.10 -0.13
N ARG A 47 -6.03 6.13 0.49
CA ARG A 47 -5.68 5.72 1.86
C ARG A 47 -5.72 4.21 2.00
N LEU A 48 -5.05 3.70 3.03
CA LEU A 48 -5.02 2.27 3.30
C LEU A 48 -5.91 1.91 4.48
N ILE A 49 -6.52 0.73 4.43
CA ILE A 49 -7.39 0.27 5.50
C ILE A 49 -7.19 -1.22 5.77
N PHE A 50 -6.97 -1.57 7.03
CA PHE A 50 -6.76 -2.95 7.42
C PHE A 50 -7.84 -3.41 8.41
N GLY A 51 -8.74 -4.27 7.94
CA GLY A 51 -9.80 -4.77 8.78
C GLY A 51 -10.88 -3.73 9.03
N GLY A 52 -10.66 -2.52 8.51
CA GLY A 52 -11.63 -1.45 8.70
C GLY A 52 -10.99 -0.17 9.18
N LYS A 53 -9.85 -0.30 9.84
CA LYS A 53 -9.13 0.87 10.37
C LYS A 53 -8.08 1.36 9.37
N GLN A 54 -7.87 2.67 9.33
CA GLN A 54 -6.90 3.26 8.42
C GLN A 54 -5.48 2.94 8.86
N LEU A 55 -4.53 3.12 7.96
CA LEU A 55 -3.12 2.86 8.25
C LEU A 55 -2.28 4.13 8.11
N GLU A 56 -1.53 4.44 9.16
CA GLU A 56 -0.67 5.62 9.15
C GLU A 56 0.50 5.44 8.20
N ASP A 57 1.42 6.41 8.20
CA ASP A 57 2.59 6.36 7.34
C ASP A 57 3.59 5.33 7.85
N SER A 58 3.45 4.94 9.11
CA SER A 58 4.35 3.96 9.71
C SER A 58 3.63 2.63 9.94
N ASN A 59 2.41 2.54 9.44
CA ASN A 59 1.61 1.32 9.59
C ASN A 59 1.84 0.39 8.40
N ALA A 60 2.99 -0.28 8.38
CA ALA A 60 3.32 -1.21 7.31
C ALA A 60 4.60 -1.98 7.63
N MET A 61 5.74 -1.36 7.37
CA MET A 61 7.03 -2.00 7.63
C MET A 61 7.39 -1.91 9.11
N SER A 62 7.39 -0.70 9.65
CA SER A 62 7.72 -0.48 11.06
C SER A 62 6.77 -1.28 11.96
N ASP A 63 5.53 -1.43 11.52
CA ASP A 63 4.53 -2.17 12.28
C ASP A 63 4.94 -3.62 12.46
N TYR A 64 5.78 -4.11 11.55
CA TYR A 64 6.24 -5.49 11.60
C TYR A 64 5.18 -6.45 11.10
N ASN A 65 4.23 -5.93 10.33
CA ASN A 65 3.14 -6.74 9.78
C ASN A 65 3.32 -6.93 8.28
N VAL A 66 4.49 -6.58 7.76
CA VAL A 66 4.79 -6.72 6.35
C VAL A 66 5.27 -8.11 6.02
N GLN A 67 4.56 -8.78 5.11
CA GLN A 67 4.92 -10.14 4.70
C GLN A 67 5.16 -10.21 3.20
N LYS A 68 5.45 -11.41 2.71
CA LYS A 68 5.70 -11.61 1.29
C LYS A 68 4.45 -11.35 0.46
N GLU A 69 3.29 -11.59 1.06
CA GLU A 69 2.02 -11.38 0.38
C GLU A 69 0.94 -10.93 1.37
N SER A 70 0.97 -9.65 1.72
CA SER A 70 0.00 -9.09 2.65
C SER A 70 -1.20 -8.49 1.92
N THR A 71 -2.39 -8.92 2.30
CA THR A 71 -3.62 -8.45 1.67
C THR A 71 -4.21 -7.28 2.45
N LEU A 72 -4.23 -6.10 1.83
CA LEU A 72 -4.76 -4.90 2.46
C LEU A 72 -5.80 -4.23 1.57
N HIS A 73 -6.72 -3.50 2.19
CA HIS A 73 -7.76 -2.80 1.44
C HIS A 73 -7.38 -1.34 1.22
N LEU A 74 -7.27 -0.95 -0.05
CA LEU A 74 -6.92 0.42 -0.40
C LEU A 74 -8.12 1.18 -0.93
N VAL A 75 -8.51 2.24 -0.23
CA VAL A 75 -9.65 3.05 -0.63
C VAL A 75 -9.20 4.44 -1.09
N LEU A 76 -9.64 4.83 -2.28
CA LEU A 76 -9.29 6.13 -2.83
C LEU A 76 -10.53 6.93 -3.19
N ARG A 77 -10.52 8.22 -2.87
CA ARG A 77 -11.65 9.09 -3.16
C ARG A 77 -11.29 10.12 -4.22
N LEU A 78 -11.14 9.66 -5.46
CA LEU A 78 -10.79 10.54 -6.57
C LEU A 78 -11.98 11.38 -6.99
N ARG A 79 -13.14 10.75 -7.08
CA ARG A 79 -14.36 11.44 -7.47
C ARG A 79 -14.92 12.28 -6.32
N GLY A 80 -14.56 13.55 -6.30
CA GLY A 80 -15.03 14.44 -5.24
C GLY A 80 -14.53 15.86 -5.42
N GLY A 81 -14.37 16.28 -6.66
CA GLY A 81 -13.89 17.62 -6.94
C GLY A 81 -12.82 17.66 -8.00
N VAL A 82 -11.64 18.14 -7.63
CA VAL A 82 -10.51 18.22 -8.55
C VAL A 82 -9.29 17.50 -8.00
N GLY A 1 18.95 -10.59 -7.63
CA GLY A 1 18.61 -11.80 -6.91
C GLY A 1 18.86 -11.67 -5.43
N PRO A 2 18.06 -10.83 -4.75
CA PRO A 2 18.18 -10.61 -3.31
C PRO A 2 17.76 -11.83 -2.49
N LEU A 3 17.77 -11.68 -1.17
CA LEU A 3 17.39 -12.77 -0.28
C LEU A 3 16.25 -12.34 0.64
N GLY A 4 16.52 -11.37 1.51
CA GLY A 4 15.50 -10.89 2.43
C GLY A 4 14.41 -10.11 1.73
N SER A 5 13.96 -9.02 2.34
CA SER A 5 12.91 -8.20 1.78
C SER A 5 11.61 -8.99 1.63
N MET A 6 10.51 -8.29 1.39
CA MET A 6 9.21 -8.92 1.23
C MET A 6 8.34 -8.13 0.27
N GLN A 7 7.08 -8.55 0.12
CA GLN A 7 6.14 -7.88 -0.76
C GLN A 7 4.76 -7.80 -0.13
N ILE A 8 3.96 -6.85 -0.59
CA ILE A 8 2.61 -6.66 -0.07
C ILE A 8 1.59 -6.60 -1.20
N PHE A 9 0.33 -6.92 -0.87
CA PHE A 9 -0.74 -6.90 -1.86
C PHE A 9 -1.69 -5.74 -1.59
N VAL A 10 -1.91 -4.92 -2.62
CA VAL A 10 -2.80 -3.77 -2.50
C VAL A 10 -3.99 -3.90 -3.45
N LYS A 11 -5.18 -3.65 -2.93
CA LYS A 11 -6.40 -3.73 -3.74
C LYS A 11 -6.99 -2.34 -3.98
N THR A 12 -6.96 -1.90 -5.23
CA THR A 12 -7.49 -0.59 -5.59
C THR A 12 -9.01 -0.59 -5.57
N LEU A 13 -9.60 0.59 -5.50
CA LEU A 13 -11.05 0.73 -5.47
C LEU A 13 -11.68 0.12 -6.72
N THR A 14 -10.87 -0.06 -7.75
CA THR A 14 -11.35 -0.64 -9.01
C THR A 14 -11.30 -2.16 -8.96
N GLY A 15 -10.94 -2.70 -7.81
CA GLY A 15 -10.88 -4.14 -7.66
C GLY A 15 -9.71 -4.75 -8.42
N LYS A 16 -8.50 -4.25 -8.15
CA LYS A 16 -7.31 -4.75 -8.81
C LYS A 16 -6.24 -5.13 -7.79
N THR A 17 -5.75 -6.36 -7.88
CA THR A 17 -4.72 -6.84 -6.97
C THR A 17 -3.32 -6.55 -7.51
N ILE A 18 -2.56 -5.77 -6.78
CA ILE A 18 -1.20 -5.42 -7.18
C ILE A 18 -0.18 -5.85 -6.12
N THR A 19 0.98 -6.31 -6.59
CA THR A 19 2.03 -6.74 -5.68
C THR A 19 3.25 -5.82 -5.77
N ILE A 20 3.83 -5.51 -4.61
CA ILE A 20 4.99 -4.64 -4.55
C ILE A 20 5.98 -5.12 -3.48
N ASP A 21 7.25 -5.20 -3.86
CA ASP A 21 8.29 -5.64 -2.93
C ASP A 21 8.75 -4.47 -2.05
N VAL A 22 8.62 -4.64 -0.74
CA VAL A 22 9.03 -3.61 0.20
C VAL A 22 9.82 -4.20 1.36
N ASP A 23 10.53 -3.35 2.09
CA ASP A 23 11.34 -3.79 3.22
C ASP A 23 10.78 -3.23 4.53
N HIS A 24 11.02 -3.95 5.63
CA HIS A 24 10.55 -3.52 6.94
C HIS A 24 11.13 -2.17 7.32
N ALA A 25 12.18 -1.76 6.62
CA ALA A 25 12.83 -0.48 6.87
C ALA A 25 12.14 0.65 6.12
N ASP A 26 11.01 0.33 5.49
CA ASP A 26 10.26 1.33 4.73
C ASP A 26 9.07 1.84 5.55
N THR A 27 8.17 2.55 4.88
CA THR A 27 6.99 3.11 5.53
C THR A 27 5.80 3.16 4.58
N VAL A 28 4.61 3.33 5.14
CA VAL A 28 3.39 3.40 4.34
C VAL A 28 3.50 4.46 3.25
N GLY A 29 3.92 5.66 3.66
CA GLY A 29 4.06 6.75 2.71
C GLY A 29 4.87 6.36 1.49
N ALA A 30 6.04 5.78 1.72
CA ALA A 30 6.90 5.36 0.63
C ALA A 30 6.21 4.34 -0.27
N VAL A 31 5.46 3.43 0.35
CA VAL A 31 4.74 2.40 -0.38
C VAL A 31 3.69 3.02 -1.31
N LYS A 32 2.96 4.01 -0.79
CA LYS A 32 1.94 4.69 -1.56
C LYS A 32 2.50 5.23 -2.87
N ALA A 33 3.70 5.80 -2.79
CA ALA A 33 4.35 6.37 -3.97
C ALA A 33 4.65 5.28 -5.00
N LYS A 34 5.13 4.14 -4.51
CA LYS A 34 5.47 3.02 -5.38
C LYS A 34 4.24 2.54 -6.16
N ILE A 35 3.11 2.49 -5.48
CA ILE A 35 1.86 2.06 -6.10
C ILE A 35 1.36 3.09 -7.10
N TYR A 36 1.56 4.36 -6.78
CA TYR A 36 1.13 5.45 -7.66
C TYR A 36 1.73 5.30 -9.05
N ASP A 37 3.02 5.00 -9.10
CA ASP A 37 3.71 4.82 -10.37
C ASP A 37 3.35 3.49 -11.01
N LYS A 38 3.13 2.47 -10.17
CA LYS A 38 2.77 1.15 -10.65
C LYS A 38 1.53 1.21 -11.54
N GLU A 39 0.49 1.89 -11.07
CA GLU A 39 -0.75 2.01 -11.81
C GLU A 39 -0.87 3.39 -12.44
N GLY A 40 -0.79 4.43 -11.61
CA GLY A 40 -0.89 5.79 -12.10
C GLY A 40 -2.01 6.56 -11.44
N ILE A 41 -2.12 6.44 -10.11
CA ILE A 41 -3.16 7.13 -9.37
C ILE A 41 -2.56 8.05 -8.31
N PRO A 42 -3.32 9.06 -7.90
CA PRO A 42 -2.88 10.03 -6.88
C PRO A 42 -2.79 9.41 -5.49
N PRO A 43 -1.58 9.39 -4.93
CA PRO A 43 -1.32 8.82 -3.60
C PRO A 43 -1.93 9.67 -2.48
N ASP A 44 -2.04 10.97 -2.74
CA ASP A 44 -2.61 11.90 -1.75
C ASP A 44 -4.13 11.81 -1.75
N GLN A 45 -4.69 11.20 -2.78
CA GLN A 45 -6.14 11.06 -2.89
C GLN A 45 -6.58 9.66 -2.50
N GLN A 46 -5.61 8.75 -2.38
CA GLN A 46 -5.90 7.37 -2.00
C GLN A 46 -5.47 7.09 -0.56
N ARG A 47 -6.07 6.08 0.05
CA ARG A 47 -5.76 5.71 1.41
C ARG A 47 -5.80 4.20 1.59
N LEU A 48 -5.20 3.73 2.68
CA LEU A 48 -5.17 2.30 2.98
C LEU A 48 -6.13 1.95 4.11
N ILE A 49 -6.73 0.76 4.03
CA ILE A 49 -7.67 0.31 5.05
C ILE A 49 -7.48 -1.17 5.35
N PHE A 50 -7.28 -1.49 6.62
CA PHE A 50 -7.10 -2.87 7.04
C PHE A 50 -8.04 -3.23 8.19
N GLY A 51 -8.88 -4.23 7.96
CA GLY A 51 -9.82 -4.66 8.97
C GLY A 51 -10.90 -3.62 9.24
N GLY A 52 -10.92 -2.58 8.41
CA GLY A 52 -11.91 -1.53 8.58
C GLY A 52 -11.29 -0.21 8.96
N LYS A 53 -10.16 -0.26 9.66
CA LYS A 53 -9.46 0.95 10.08
C LYS A 53 -8.39 1.35 9.07
N GLN A 54 -8.16 2.64 8.93
CA GLN A 54 -7.16 3.15 8.00
C GLN A 54 -5.75 2.90 8.52
N LEU A 55 -4.77 3.05 7.65
CA LEU A 55 -3.37 2.84 8.03
C LEU A 55 -2.58 4.14 7.94
N GLU A 56 -1.91 4.49 9.03
CA GLU A 56 -1.11 5.72 9.08
C GLU A 56 0.06 5.63 8.11
N ASP A 57 0.91 6.66 8.14
CA ASP A 57 2.08 6.71 7.26
C ASP A 57 3.14 5.71 7.71
N SER A 58 3.12 5.38 9.00
CA SER A 58 4.09 4.44 9.57
C SER A 58 3.41 3.13 9.95
N ASN A 59 2.12 3.02 9.64
CA ASN A 59 1.36 1.82 9.95
C ASN A 59 1.52 0.77 8.86
N ALA A 60 2.67 0.09 8.88
CA ALA A 60 2.96 -0.94 7.89
C ALA A 60 4.24 -1.69 8.25
N MET A 61 5.38 -1.11 7.90
CA MET A 61 6.67 -1.73 8.18
C MET A 61 7.00 -1.63 9.67
N SER A 62 7.06 -0.40 10.18
CA SER A 62 7.38 -0.18 11.59
C SER A 62 6.39 -0.90 12.49
N ASP A 63 5.14 -1.00 12.03
CA ASP A 63 4.10 -1.67 12.80
C ASP A 63 4.44 -3.14 13.02
N TYR A 64 5.27 -3.69 12.13
CA TYR A 64 5.66 -5.08 12.22
C TYR A 64 4.57 -6.01 11.71
N ASN A 65 3.75 -5.49 10.81
CA ASN A 65 2.65 -6.27 10.23
C ASN A 65 2.90 -6.53 8.74
N VAL A 66 4.12 -6.27 8.29
CA VAL A 66 4.48 -6.48 6.90
C VAL A 66 4.99 -7.90 6.67
N GLN A 67 4.36 -8.61 5.74
CA GLN A 67 4.74 -9.98 5.42
C GLN A 67 5.09 -10.12 3.95
N LYS A 68 5.41 -11.34 3.54
CA LYS A 68 5.76 -11.61 2.14
C LYS A 68 4.57 -11.38 1.23
N GLU A 69 3.37 -11.61 1.74
CA GLU A 69 2.15 -11.43 0.97
C GLU A 69 0.98 -11.04 1.88
N SER A 70 0.88 -9.75 2.18
CA SER A 70 -0.19 -9.25 3.04
C SER A 70 -1.32 -8.67 2.21
N THR A 71 -2.56 -8.97 2.61
CA THR A 71 -3.73 -8.46 1.90
C THR A 71 -4.25 -7.18 2.53
N LEU A 72 -4.19 -6.08 1.78
CA LEU A 72 -4.65 -4.79 2.27
C LEU A 72 -5.65 -4.17 1.29
N HIS A 73 -6.62 -3.43 1.83
CA HIS A 73 -7.63 -2.78 1.01
C HIS A 73 -7.27 -1.32 0.76
N LEU A 74 -7.12 -0.97 -0.51
CA LEU A 74 -6.77 0.39 -0.90
C LEU A 74 -7.94 1.08 -1.59
N VAL A 75 -8.44 2.15 -0.98
CA VAL A 75 -9.56 2.90 -1.53
C VAL A 75 -9.14 4.32 -1.90
N LEU A 76 -9.65 4.82 -3.03
CA LEU A 76 -9.33 6.16 -3.49
C LEU A 76 -10.59 7.01 -3.61
N ARG A 77 -10.50 8.27 -3.18
CA ARG A 77 -11.63 9.17 -3.23
C ARG A 77 -11.34 10.35 -4.18
N LEU A 78 -11.48 10.11 -5.47
CA LEU A 78 -11.23 11.14 -6.48
C LEU A 78 -12.40 12.13 -6.53
N ARG A 79 -13.62 11.60 -6.58
CA ARG A 79 -14.80 12.44 -6.64
C ARG A 79 -15.02 13.19 -5.33
N GLY A 80 -14.39 14.36 -5.22
CA GLY A 80 -14.52 15.15 -4.01
C GLY A 80 -13.18 15.60 -3.46
N GLY A 81 -12.41 16.32 -4.28
CA GLY A 81 -11.11 16.79 -3.85
C GLY A 81 -10.23 17.20 -5.02
N VAL A 82 -9.02 17.66 -4.71
CA VAL A 82 -8.09 18.09 -5.74
C VAL A 82 -6.66 17.73 -5.36
#